data_6QVM
#
_entry.id   6QVM
#
_cell.length_a   77.679
_cell.length_b   193.980
_cell.length_c   170.779
_cell.angle_alpha   90.00
_cell.angle_beta   90.00
_cell.angle_gamma   90.00
#
_symmetry.space_group_name_H-M   'C 2 2 21'
#
loop_
_entity.id
_entity.type
_entity.pdbx_description
1 polymer 'Multiheme cytochrome cf'
2 branched 2-acetamido-2-deoxy-beta-D-galactopyranose-(1-3)-2-acetamido-2-deoxy-beta-D-galactopyranose
3 branched 2-acetamido-2-deoxy-beta-D-galactopyranose-(1-3)-2-acetamido-2-deoxy-beta-D-galactopyranose-(1-3)-2-acetamido-2-deoxy-beta-D-galactopyranose
4 non-polymer 'HEME C'
5 non-polymer 2-AMINO-2-HYDROXYMETHYL-PROPANE-1,3-DIOL
6 non-polymer GLYCEROL
7 non-polymer 'CALCIUM ION'
8 non-polymer 'PHOSPHATE ION'
9 water water
#
_entity_poly.entity_id   1
_entity_poly.type   'polypeptide(L)'
_entity_poly.pdbx_seq_one_letter_code
;MRKGLWALVAAVLLLLVASPVLATEQYAKDTGKNCSYCHQVPASHKSQPGQQGRDQMDCMACHKAFMPLTSTAQIPLTER
GVLFMQNGKKLAVDLNYDPLTEANVVKEFARVSGLSESAFGKVSGNITKQRLAYFLMVALKAQGEVAKVTANDLKKYADY
TKAASANQKALVWAVKKGYLSARKAGSKLYLDPTAAASRTEVVKAFNAVQAKYPRVLPAPTAYAGTKKCQSCHGFSKFSA
TWHPNMVKTPDFFGSMLLWSLNDKFQASDVRYVINSPTELLFVGKDYKYMPYAFDKAENQWVADSHTQNWLVSCAKCHVT
GYPGPNGITGTPYSVVGNTYKELFTEPGIGCEACHGPGALHAATGDPTKILGEKDGIAASATCEKCHEGAHHRGGEYNDE
YAIAGVSGTVYGKHGISLQTIQKNSHGSVSCLECHSQDYRTALEDYLKANPGKTAADFNATVKLSDFKLGITCVTCHSPH
SEKGYGKQLRKEPNELCMECHTGEGFTATSGSKGVHHPQKEVFTGQLGASFTALGIPEKVYNPMGSAECVTCHMPNGYHY
FKVGKPTISIDNLTIKNDSSLGSYQSRYKASYNSCSVCHDAVGFDANAVKAWTDKVDTRVNNILNQLKTTYAAAYNDPNY
KYADTLAGIVAADASHGIHNTALTELLLDKAEYYLTQIPKQ
;
_entity_poly.pdbx_strand_id   A
#
# COMPACT_ATOMS: atom_id res chain seq x y z
N THR A 24 5.91 25.33 -3.42
CA THR A 24 6.14 26.03 -2.16
C THR A 24 6.90 27.32 -2.40
N GLU A 25 6.98 28.16 -1.36
CA GLU A 25 7.80 29.37 -1.45
C GLU A 25 9.26 29.02 -1.70
N GLN A 26 9.71 27.88 -1.17
CA GLN A 26 11.09 27.45 -1.40
C GLN A 26 11.31 27.11 -2.87
N TYR A 27 10.37 26.37 -3.48
CA TYR A 27 10.49 26.04 -4.90
C TYR A 27 10.42 27.30 -5.76
N ALA A 28 9.72 28.33 -5.27
CA ALA A 28 9.67 29.59 -6.00
C ALA A 28 11.05 30.25 -6.02
N LYS A 29 11.75 30.26 -4.89
CA LYS A 29 13.11 30.78 -4.87
C LYS A 29 14.04 29.93 -5.71
N ASP A 30 14.00 28.60 -5.53
CA ASP A 30 14.89 27.71 -6.26
C ASP A 30 14.77 27.87 -7.77
N THR A 31 13.55 28.13 -8.25
CA THR A 31 13.28 28.14 -9.68
C THR A 31 13.14 29.53 -10.27
N GLY A 32 12.90 30.55 -9.44
CA GLY A 32 12.67 31.88 -9.95
C GLY A 32 11.32 32.08 -10.61
N LYS A 33 10.35 31.22 -10.28
CA LYS A 33 9.06 31.21 -10.96
C LYS A 33 7.95 31.73 -10.05
N ASN A 34 6.93 32.32 -10.68
CA ASN A 34 5.74 32.73 -9.96
C ASN A 34 4.99 31.51 -9.43
N CYS A 35 4.23 31.72 -8.35
CA CYS A 35 3.35 30.68 -7.83
C CYS A 35 2.45 30.15 -8.93
N SER A 36 1.88 31.07 -9.72
CA SER A 36 0.93 30.70 -10.76
C SER A 36 1.55 29.85 -11.87
N TYR A 37 2.88 29.75 -11.90
CA TYR A 37 3.55 28.91 -12.90
C TYR A 37 3.29 27.44 -12.62
N CYS A 38 3.32 27.04 -11.34
CA CYS A 38 3.09 25.65 -10.95
C CYS A 38 1.76 25.42 -10.26
N HIS A 39 1.12 26.46 -9.74
CA HIS A 39 -0.14 26.31 -9.02
C HIS A 39 -1.26 27.01 -9.77
N GLN A 40 -2.44 26.41 -9.72
CA GLN A 40 -3.64 27.04 -10.26
C GLN A 40 -4.13 28.12 -9.32
N VAL A 41 -4.65 29.21 -9.91
CA VAL A 41 -5.16 30.34 -9.14
C VAL A 41 -6.64 30.51 -9.48
N PRO A 42 -7.46 31.02 -8.56
CA PRO A 42 -8.89 31.16 -8.85
C PRO A 42 -9.13 32.08 -10.04
N ALA A 43 -10.26 31.83 -10.73
CA ALA A 43 -10.63 32.64 -11.87
C ALA A 43 -10.69 34.13 -11.51
N SER A 44 -11.17 34.43 -10.30
CA SER A 44 -11.29 35.81 -9.86
C SER A 44 -9.93 36.50 -9.71
N HIS A 45 -8.82 35.76 -9.74
CA HIS A 45 -7.49 36.34 -9.60
C HIS A 45 -6.81 36.57 -10.95
N LYS A 46 -7.40 36.11 -12.03
CA LYS A 46 -6.67 36.01 -13.29
C LYS A 46 -6.34 37.39 -13.86
N SER A 47 -5.11 37.53 -14.33
CA SER A 47 -4.70 38.72 -15.07
C SER A 47 -5.09 38.58 -16.53
N GLN A 48 -5.85 39.55 -17.03
CA GLN A 48 -5.96 39.65 -18.47
C GLN A 48 -4.67 40.26 -19.02
N PRO A 49 -4.35 39.99 -20.29
CA PRO A 49 -3.10 40.54 -20.86
C PRO A 49 -2.99 42.04 -20.63
N GLY A 50 -1.88 42.44 -20.00
CA GLY A 50 -1.63 43.81 -19.60
C GLY A 50 -2.07 44.14 -18.18
N GLN A 51 -3.08 43.44 -17.67
CA GLN A 51 -3.61 43.72 -16.36
C GLN A 51 -2.76 43.08 -15.27
N GLN A 52 -2.72 43.74 -14.10
CA GLN A 52 -1.98 43.29 -12.93
C GLN A 52 -2.98 42.72 -11.93
N GLY A 53 -3.46 41.51 -12.20
CA GLY A 53 -4.34 40.82 -11.30
C GLY A 53 -3.62 40.21 -10.11
N ARG A 54 -4.41 39.56 -9.24
CA ARG A 54 -3.85 38.95 -8.04
C ARG A 54 -2.98 37.73 -8.35
N ASP A 55 -3.17 37.08 -9.51
CA ASP A 55 -2.36 35.93 -9.84
C ASP A 55 -0.89 36.28 -10.04
N GLN A 56 -0.55 37.56 -10.13
CA GLN A 56 0.82 38.02 -10.26
C GLN A 56 1.33 38.71 -9.00
N MET A 57 0.55 38.72 -7.92
CA MET A 57 0.94 39.41 -6.70
C MET A 57 1.46 38.40 -5.67
N ASP A 58 1.91 38.93 -4.54
CA ASP A 58 2.43 38.10 -3.45
C ASP A 58 1.24 37.43 -2.77
N CYS A 59 1.04 36.13 -3.05
CA CYS A 59 -0.08 35.40 -2.46
C CYS A 59 -0.06 35.49 -0.95
N MET A 60 1.09 35.18 -0.34
CA MET A 60 1.16 35.00 1.10
C MET A 60 1.12 36.31 1.87
N ALA A 61 1.29 37.47 1.25
N ALA A 61 1.25 37.45 1.19
CA ALA A 61 1.04 38.70 1.98
CA ALA A 61 1.09 38.79 1.76
C ALA A 61 -0.44 38.83 2.33
C ALA A 61 -0.30 39.35 1.50
N CYS A 62 -1.29 38.48 1.37
CA CYS A 62 -2.70 38.79 1.43
C CYS A 62 -3.42 37.66 2.14
N HIS A 63 -2.98 36.42 1.88
CA HIS A 63 -3.59 35.23 2.47
C HIS A 63 -2.98 34.82 3.80
N LYS A 64 -1.82 35.37 4.15
CA LYS A 64 -1.05 35.06 5.35
C LYS A 64 -1.88 34.69 6.57
N ALA A 65 -2.96 35.43 6.82
CA ALA A 65 -3.69 35.29 8.07
C ALA A 65 -5.17 35.60 7.88
N PHE A 66 -5.74 35.15 6.76
CA PHE A 66 -7.16 35.35 6.48
C PHE A 66 -7.71 34.11 5.80
N MET A 67 -6.98 33.58 4.83
CA MET A 67 -7.29 32.26 4.24
CA MET A 67 -7.29 32.26 4.24
C MET A 67 -5.97 31.60 3.86
N PRO A 68 -5.23 31.08 4.84
CA PRO A 68 -3.86 30.60 4.58
C PRO A 68 -3.83 29.50 3.53
N LEU A 69 -2.85 29.58 2.65
CA LEU A 69 -2.61 28.56 1.63
C LEU A 69 -1.74 27.47 2.26
N THR A 70 -2.33 26.30 2.48
CA THR A 70 -1.64 25.22 3.17
C THR A 70 -1.56 23.94 2.35
N SER A 71 -2.25 23.85 1.23
CA SER A 71 -2.48 22.55 0.61
C SER A 71 -2.70 22.73 -0.88
N THR A 72 -2.34 21.70 -1.65
CA THR A 72 -2.63 21.66 -3.07
C THR A 72 -4.10 21.36 -3.34
N ALA A 73 -4.90 21.14 -2.31
CA ALA A 73 -6.35 21.13 -2.49
C ALA A 73 -6.87 22.54 -2.76
N GLN A 74 -6.20 23.54 -2.18
CA GLN A 74 -6.55 24.93 -2.48
C GLN A 74 -5.92 25.36 -3.80
N ILE A 75 -4.64 25.06 -3.98
CA ILE A 75 -3.90 25.48 -5.17
C ILE A 75 -3.38 24.25 -5.91
N PRO A 76 -4.21 23.56 -6.69
CA PRO A 76 -3.74 22.38 -7.41
C PRO A 76 -2.68 22.75 -8.46
N LEU A 77 -1.91 21.74 -8.86
CA LEU A 77 -0.78 21.98 -9.74
C LEU A 77 -1.25 22.20 -11.18
N THR A 78 -0.54 23.09 -11.87
CA THR A 78 -0.66 23.21 -13.31
C THR A 78 0.10 22.07 -13.98
N GLU A 79 0.04 22.01 -15.31
CA GLU A 79 0.85 21.04 -16.04
C GLU A 79 2.32 21.22 -15.71
N ARG A 80 2.77 22.48 -15.66
CA ARG A 80 4.16 22.77 -15.34
C ARG A 80 4.52 22.29 -13.94
N GLY A 81 3.59 22.43 -12.99
CA GLY A 81 3.84 21.94 -11.65
C GLY A 81 3.94 20.42 -11.59
N VAL A 82 3.04 19.74 -12.31
CA VAL A 82 3.09 18.29 -12.43
C VAL A 82 4.43 17.85 -13.00
N LEU A 83 4.82 18.41 -14.15
CA LEU A 83 6.09 18.06 -14.78
C LEU A 83 7.26 18.34 -13.84
N PHE A 84 7.25 19.49 -13.18
CA PHE A 84 8.27 19.80 -12.18
C PHE A 84 8.38 18.67 -11.17
N MET A 85 7.25 18.20 -10.64
CA MET A 85 7.29 17.18 -9.59
C MET A 85 7.66 15.82 -10.17
N GLN A 86 7.20 15.50 -11.38
CA GLN A 86 7.61 14.25 -12.02
C GLN A 86 9.10 14.22 -12.36
N ASN A 87 9.72 15.38 -12.54
CA ASN A 87 11.13 15.50 -12.89
C ASN A 87 12.03 15.59 -11.67
N GLY A 88 11.63 15.00 -10.54
CA GLY A 88 12.42 15.13 -9.33
C GLY A 88 12.52 16.56 -8.85
N LYS A 89 11.44 17.33 -8.97
CA LYS A 89 11.39 18.74 -8.57
C LYS A 89 12.50 19.54 -9.27
N LYS A 90 12.58 19.35 -10.58
CA LYS A 90 13.37 20.20 -11.46
C LYS A 90 12.49 20.63 -12.62
N LEU A 91 12.71 21.85 -13.10
CA LEU A 91 11.84 22.40 -14.14
C LEU A 91 11.96 21.60 -15.44
N ALA A 92 10.82 21.30 -16.04
CA ALA A 92 10.84 20.76 -17.39
C ALA A 92 11.29 21.83 -18.38
N VAL A 93 11.64 21.38 -19.58
CA VAL A 93 12.00 22.32 -20.64
C VAL A 93 10.77 23.12 -21.05
N ASP A 94 10.93 24.43 -21.14
CA ASP A 94 9.83 25.35 -21.47
C ASP A 94 10.28 26.24 -22.61
N LEU A 95 9.63 26.09 -23.77
CA LEU A 95 10.01 26.84 -24.95
C LEU A 95 9.71 28.33 -24.84
N ASN A 96 8.92 28.74 -23.83
CA ASN A 96 8.72 30.15 -23.58
C ASN A 96 9.95 30.83 -22.98
N TYR A 97 10.90 30.05 -22.46
CA TYR A 97 12.01 30.62 -21.70
C TYR A 97 13.38 30.03 -22.00
N ASP A 98 13.47 28.78 -22.46
CA ASP A 98 14.75 28.08 -22.46
C ASP A 98 15.49 28.24 -23.79
N PRO A 99 16.80 27.94 -23.81
CA PRO A 99 17.56 27.96 -25.07
C PRO A 99 16.84 27.32 -26.24
N LEU A 100 16.83 28.00 -27.39
CA LEU A 100 16.11 27.54 -28.57
C LEU A 100 16.99 26.61 -29.41
N THR A 101 17.40 25.51 -28.77
CA THR A 101 18.14 24.49 -29.47
C THR A 101 17.19 23.52 -30.16
N GLU A 102 17.71 22.82 -31.16
CA GLU A 102 16.96 21.72 -31.76
C GLU A 102 16.59 20.70 -30.69
N ALA A 103 17.48 20.48 -29.73
CA ALA A 103 17.23 19.52 -28.66
C ALA A 103 16.00 19.90 -27.84
N ASN A 104 15.96 21.14 -27.34
CA ASN A 104 14.84 21.58 -26.52
C ASN A 104 13.53 21.53 -27.29
N VAL A 105 13.55 21.89 -28.58
CA VAL A 105 12.34 21.86 -29.38
C VAL A 105 11.85 20.42 -29.55
N VAL A 106 12.76 19.49 -29.82
CA VAL A 106 12.37 18.09 -29.98
C VAL A 106 11.88 17.53 -28.65
N LYS A 107 12.56 17.86 -27.56
CA LYS A 107 12.19 17.36 -26.24
C LYS A 107 10.73 17.69 -25.92
N GLU A 108 10.33 18.92 -26.23
CA GLU A 108 8.96 19.36 -25.95
C GLU A 108 7.98 18.89 -27.02
N PHE A 109 8.39 18.97 -28.30
CA PHE A 109 7.54 18.45 -29.37
C PHE A 109 7.28 16.97 -29.19
N ALA A 110 8.28 16.21 -28.73
CA ALA A 110 8.10 14.80 -28.49
C ALA A 110 7.17 14.57 -27.30
N ARG A 111 7.41 15.26 -26.19
CA ARG A 111 6.61 15.05 -24.99
C ARG A 111 5.12 15.25 -25.27
N VAL A 112 4.78 16.37 -25.89
CA VAL A 112 3.37 16.71 -26.09
C VAL A 112 2.71 15.76 -27.08
N SER A 113 3.45 15.35 -28.11
CA SER A 113 2.89 14.49 -29.14
C SER A 113 2.83 13.02 -28.72
N GLY A 114 3.64 12.61 -27.75
CA GLY A 114 3.76 11.20 -27.44
C GLY A 114 4.69 10.44 -28.35
N LEU A 115 5.30 11.10 -29.33
CA LEU A 115 6.28 10.47 -30.19
C LEU A 115 7.60 10.34 -29.45
N SER A 116 8.42 9.40 -29.91
CA SER A 116 9.77 9.28 -29.39
C SER A 116 10.62 10.46 -29.86
N GLU A 117 11.62 10.82 -29.05
CA GLU A 117 12.56 11.86 -29.45
C GLU A 117 13.40 11.44 -30.65
N SER A 118 13.43 10.13 -30.96
CA SER A 118 14.20 9.66 -32.10
C SER A 118 13.45 9.82 -33.42
N ALA A 119 12.11 9.83 -33.37
CA ALA A 119 11.34 10.03 -34.59
C ALA A 119 11.66 11.36 -35.27
N PHE A 120 12.35 12.26 -34.57
CA PHE A 120 12.76 13.53 -35.16
C PHE A 120 14.19 13.50 -35.71
N GLY A 121 14.97 12.49 -35.33
CA GLY A 121 16.27 12.27 -35.92
C GLY A 121 17.40 12.96 -35.19
N LYS A 122 18.58 12.90 -35.81
CA LYS A 122 19.76 13.56 -35.26
C LYS A 122 19.50 15.04 -35.10
N VAL A 123 20.16 15.65 -34.11
CA VAL A 123 19.80 16.97 -33.63
C VAL A 123 21.06 17.68 -33.17
N SER A 124 21.21 18.96 -33.55
CA SER A 124 22.32 19.76 -33.05
C SER A 124 22.09 21.22 -33.43
N GLY A 125 22.75 22.10 -32.69
CA GLY A 125 22.70 23.52 -32.97
C GLY A 125 21.36 24.13 -32.57
N ASN A 126 21.28 25.44 -32.80
CA ASN A 126 20.05 26.17 -32.54
C ASN A 126 19.08 26.02 -33.70
N ILE A 127 17.79 26.09 -33.39
CA ILE A 127 16.75 25.73 -34.35
C ILE A 127 16.66 26.80 -35.44
N THR A 128 16.54 26.34 -36.68
CA THR A 128 16.33 27.22 -37.82
C THR A 128 14.90 27.09 -38.32
N LYS A 129 14.49 28.06 -39.13
CA LYS A 129 13.12 28.13 -39.61
C LYS A 129 12.75 26.89 -40.42
N GLN A 130 13.71 26.30 -41.13
CA GLN A 130 13.38 25.16 -41.97
C GLN A 130 13.29 23.87 -41.16
N ARG A 131 14.13 23.71 -40.14
CA ARG A 131 14.03 22.49 -39.34
C ARG A 131 12.94 22.58 -38.29
N LEU A 132 12.53 23.79 -37.91
CA LEU A 132 11.30 23.93 -37.13
C LEU A 132 10.10 23.44 -37.94
N ALA A 133 10.07 23.76 -39.23
CA ALA A 133 8.98 23.28 -40.10
C ALA A 133 9.03 21.77 -40.23
N TYR A 134 10.23 21.18 -40.20
CA TYR A 134 10.37 19.73 -40.26
C TYR A 134 9.88 19.08 -38.97
N PHE A 135 10.44 19.51 -37.84
CA PHE A 135 10.00 19.00 -36.54
C PHE A 135 8.50 19.15 -36.37
N LEU A 136 7.94 20.25 -36.89
CA LEU A 136 6.50 20.45 -36.79
C LEU A 136 5.73 19.43 -37.62
N MET A 137 6.30 18.99 -38.74
CA MET A 137 5.64 17.98 -39.55
C MET A 137 5.64 16.63 -38.84
N VAL A 138 6.78 16.25 -38.24
CA VAL A 138 6.84 15.03 -37.45
C VAL A 138 5.83 15.08 -36.31
N ALA A 139 5.90 16.14 -35.51
CA ALA A 139 5.07 16.22 -34.31
C ALA A 139 3.59 16.24 -34.65
N LEU A 140 3.21 16.93 -35.72
CA LEU A 140 1.82 16.90 -36.15
C LEU A 140 1.49 15.66 -36.97
N LYS A 141 2.46 14.77 -37.15
CA LYS A 141 2.28 13.52 -37.90
C LYS A 141 1.56 13.78 -39.23
N ALA A 142 2.15 14.71 -40.00
CA ALA A 142 1.54 15.20 -41.22
C ALA A 142 2.41 14.93 -42.44
N GLN A 143 3.17 13.83 -42.41
CA GLN A 143 4.05 13.51 -43.53
C GLN A 143 3.26 13.31 -44.82
N GLY A 144 2.01 12.88 -44.73
CA GLY A 144 1.17 12.66 -45.89
C GLY A 144 0.49 13.92 -46.37
N GLU A 145 0.35 14.90 -45.48
CA GLU A 145 -0.15 16.20 -45.88
C GLU A 145 0.96 17.05 -46.51
N VAL A 146 2.21 16.77 -46.16
CA VAL A 146 3.34 17.53 -46.68
C VAL A 146 3.73 17.04 -48.07
N ALA A 147 3.65 15.73 -48.31
CA ALA A 147 3.92 15.19 -49.64
C ALA A 147 2.88 15.61 -50.67
N LYS A 148 1.77 16.21 -50.24
CA LYS A 148 0.70 16.60 -51.15
C LYS A 148 0.95 17.93 -51.85
N VAL A 149 2.11 18.56 -51.65
CA VAL A 149 2.42 19.81 -52.32
C VAL A 149 3.33 19.51 -53.50
N THR A 150 3.15 20.27 -54.58
CA THR A 150 3.77 19.99 -55.86
C THR A 150 4.82 21.05 -56.17
N ALA A 151 5.57 20.81 -57.24
CA ALA A 151 6.64 21.73 -57.63
C ALA A 151 6.09 23.12 -57.95
N ASN A 152 4.84 23.21 -58.39
CA ASN A 152 4.24 24.52 -58.65
C ASN A 152 3.95 25.26 -57.36
N ASP A 153 3.59 24.54 -56.29
CA ASP A 153 3.47 25.17 -54.98
C ASP A 153 4.82 25.69 -54.50
N LEU A 154 5.86 24.86 -54.62
CA LEU A 154 7.20 25.27 -54.21
C LEU A 154 7.64 26.55 -54.92
N LYS A 155 7.33 26.66 -56.20
CA LYS A 155 7.87 27.75 -57.02
C LYS A 155 7.22 29.10 -56.72
N LYS A 156 6.18 29.13 -55.87
CA LYS A 156 5.57 30.38 -55.44
C LYS A 156 6.53 31.15 -54.55
N TYR A 157 7.67 30.55 -54.23
CA TYR A 157 8.60 31.08 -53.25
C TYR A 157 9.99 31.19 -53.85
N ALA A 158 10.55 32.39 -53.81
CA ALA A 158 11.78 32.68 -54.53
C ALA A 158 12.94 31.81 -54.03
N ASP A 159 13.09 31.69 -52.71
CA ASP A 159 14.27 31.06 -52.12
C ASP A 159 13.99 29.66 -51.59
N TYR A 160 12.97 28.97 -52.10
CA TYR A 160 12.64 27.66 -51.57
C TYR A 160 13.80 26.68 -51.75
N THR A 161 14.58 26.84 -52.82
CA THR A 161 15.69 25.94 -53.06
C THR A 161 16.83 26.17 -52.07
N LYS A 162 16.83 27.30 -51.37
CA LYS A 162 17.83 27.54 -50.33
C LYS A 162 17.61 26.66 -49.11
N ALA A 163 16.60 25.81 -49.13
CA ALA A 163 16.36 24.86 -48.05
C ALA A 163 16.77 23.47 -48.49
N ALA A 164 17.35 22.71 -47.55
CA ALA A 164 17.70 21.33 -47.82
C ALA A 164 16.46 20.58 -48.27
N SER A 165 16.68 19.51 -49.03
CA SER A 165 15.58 18.77 -49.66
C SER A 165 14.57 18.29 -48.63
N ALA A 166 15.04 17.85 -47.47
CA ALA A 166 14.15 17.30 -46.46
C ALA A 166 13.09 18.31 -46.02
N ASN A 167 13.47 19.57 -45.88
CA ASN A 167 12.62 20.59 -45.27
C ASN A 167 11.83 21.41 -46.28
N GLN A 168 11.98 21.15 -47.57
CA GLN A 168 11.43 22.05 -48.59
C GLN A 168 9.90 22.02 -48.59
N LYS A 169 9.32 20.85 -48.78
CA LYS A 169 7.86 20.75 -48.83
C LYS A 169 7.24 21.07 -47.48
N ALA A 170 7.93 20.71 -46.39
CA ALA A 170 7.40 20.98 -45.06
C ALA A 170 7.32 22.48 -44.78
N LEU A 171 8.35 23.22 -45.22
CA LEU A 171 8.36 24.66 -44.97
C LEU A 171 7.22 25.37 -45.69
N VAL A 172 6.80 24.86 -46.84
CA VAL A 172 5.70 25.47 -47.58
C VAL A 172 4.36 25.06 -46.98
N TRP A 173 4.24 23.78 -46.60
CA TRP A 173 3.04 23.33 -45.87
C TRP A 173 2.81 24.16 -44.62
N ALA A 174 3.88 24.42 -43.87
CA ALA A 174 3.76 25.18 -42.63
C ALA A 174 3.32 26.62 -42.89
N VAL A 175 3.65 27.17 -44.04
CA VAL A 175 3.26 28.54 -44.38
C VAL A 175 1.85 28.59 -44.94
N LYS A 176 1.47 27.61 -45.75
CA LYS A 176 0.08 27.50 -46.17
C LYS A 176 -0.84 27.33 -44.96
N LYS A 177 -0.42 26.51 -44.00
CA LYS A 177 -1.19 26.28 -42.79
C LYS A 177 -1.10 27.43 -41.79
N GLY A 178 -0.22 28.41 -42.04
CA GLY A 178 -0.13 29.56 -41.16
C GLY A 178 0.71 29.35 -39.92
N TYR A 179 1.40 28.21 -39.80
CA TYR A 179 2.26 28.00 -38.63
C TYR A 179 3.52 28.87 -38.70
N LEU A 180 4.06 29.06 -39.90
CA LEU A 180 5.14 29.99 -40.15
C LEU A 180 4.72 30.96 -41.25
N SER A 181 5.47 32.04 -41.40
CA SER A 181 5.11 33.08 -42.34
C SER A 181 6.18 33.23 -43.42
N ALA A 182 5.79 33.84 -44.52
CA ALA A 182 6.71 34.33 -45.54
C ALA A 182 6.74 35.85 -45.49
N ARG A 183 7.67 36.43 -46.26
CA ARG A 183 7.74 37.88 -46.38
C ARG A 183 7.71 38.27 -47.85
N LYS A 184 7.00 39.34 -48.13
CA LYS A 184 6.99 39.91 -49.47
C LYS A 184 8.13 40.92 -49.61
N ALA A 185 8.85 40.81 -50.73
CA ALA A 185 9.81 41.82 -51.14
C ALA A 185 9.61 42.02 -52.63
N GLY A 186 8.99 43.14 -53.00
CA GLY A 186 8.65 43.35 -54.41
C GLY A 186 7.59 42.35 -54.85
N SER A 187 7.88 41.65 -55.95
CA SER A 187 6.96 40.66 -56.49
C SER A 187 7.26 39.25 -56.01
N LYS A 188 8.11 39.09 -55.00
CA LYS A 188 8.59 37.77 -54.60
C LYS A 188 8.31 37.52 -53.12
N LEU A 189 8.19 36.25 -52.77
CA LEU A 189 7.93 35.81 -51.41
C LEU A 189 9.09 34.96 -50.93
N TYR A 190 9.54 35.22 -49.70
CA TYR A 190 10.74 34.60 -49.16
C TYR A 190 10.43 33.84 -47.88
N LEU A 191 10.88 32.60 -47.80
CA LEU A 191 10.71 31.76 -46.62
C LEU A 191 11.83 31.92 -45.60
N ASP A 192 13.00 32.41 -46.01
CA ASP A 192 14.15 32.57 -45.14
C ASP A 192 14.47 31.25 -44.42
N PRO A 193 14.74 30.18 -45.17
CA PRO A 193 14.79 28.84 -44.56
C PRO A 193 15.96 28.65 -43.60
N THR A 194 17.04 29.41 -43.74
CA THR A 194 18.21 29.25 -42.90
C THR A 194 18.28 30.26 -41.78
N ALA A 195 17.31 31.16 -41.69
CA ALA A 195 17.26 32.09 -40.57
C ALA A 195 16.95 31.35 -39.28
N ALA A 196 17.60 31.74 -38.20
CA ALA A 196 17.28 31.17 -36.90
C ALA A 196 15.83 31.49 -36.54
N ALA A 197 15.06 30.45 -36.21
CA ALA A 197 13.68 30.66 -35.80
C ALA A 197 13.63 31.49 -34.52
N SER A 198 12.77 32.50 -34.52
CA SER A 198 12.62 33.32 -33.33
C SER A 198 11.74 32.60 -32.31
N ARG A 199 11.87 33.02 -31.06
CA ARG A 199 11.05 32.48 -29.99
C ARG A 199 9.57 32.51 -30.33
N THR A 200 9.12 33.62 -30.93
CA THR A 200 7.72 33.76 -31.31
C THR A 200 7.29 32.65 -32.27
N GLU A 201 8.15 32.29 -33.22
CA GLU A 201 7.79 31.28 -34.21
C GLU A 201 7.82 29.88 -33.61
N VAL A 202 8.78 29.62 -32.71
CA VAL A 202 8.81 28.34 -32.00
C VAL A 202 7.54 28.16 -31.16
N VAL A 203 7.17 29.21 -30.42
CA VAL A 203 6.01 29.12 -29.53
C VAL A 203 4.73 28.99 -30.35
N LYS A 204 4.64 29.71 -31.47
CA LYS A 204 3.48 29.56 -32.34
C LYS A 204 3.39 28.15 -32.92
N ALA A 205 4.55 27.52 -33.14
CA ALA A 205 4.56 26.14 -33.61
C ALA A 205 4.19 25.19 -32.47
N PHE A 206 4.75 25.43 -31.28
CA PHE A 206 4.43 24.59 -30.12
C PHE A 206 2.94 24.65 -29.79
N ASN A 207 2.32 25.83 -29.92
CA ASN A 207 0.89 25.96 -29.66
C ASN A 207 0.09 25.08 -30.62
N ALA A 208 0.52 24.98 -31.87
CA ALA A 208 -0.17 24.11 -32.82
C ALA A 208 -0.04 22.64 -32.45
N VAL A 209 1.10 22.25 -31.89
CA VAL A 209 1.25 20.90 -31.36
C VAL A 209 0.34 20.70 -30.15
N GLN A 210 0.28 21.70 -29.27
CA GLN A 210 -0.59 21.61 -28.09
C GLN A 210 -2.06 21.59 -28.48
N ALA A 211 -2.43 22.25 -29.58
CA ALA A 211 -3.83 22.23 -30.02
C ALA A 211 -4.22 20.84 -30.50
N LYS A 212 -3.29 20.14 -31.16
CA LYS A 212 -3.60 18.81 -31.69
C LYS A 212 -3.66 17.75 -30.59
N TYR A 213 -2.82 17.88 -29.55
CA TYR A 213 -2.81 16.95 -28.43
C TYR A 213 -3.14 17.71 -27.14
N PRO A 214 -4.39 18.15 -26.98
CA PRO A 214 -4.71 18.96 -25.81
C PRO A 214 -4.74 18.14 -24.54
N ARG A 215 -4.41 18.80 -23.43
CA ARG A 215 -4.37 18.14 -22.13
C ARG A 215 -5.78 18.14 -21.54
N VAL A 216 -6.36 16.96 -21.37
CA VAL A 216 -7.74 16.82 -20.96
C VAL A 216 -7.81 16.44 -19.49
N LEU A 217 -8.65 17.15 -18.73
CA LEU A 217 -8.87 16.80 -17.34
C LEU A 217 -9.46 15.40 -17.24
N PRO A 218 -8.88 14.49 -16.47
CA PRO A 218 -9.44 13.14 -16.34
C PRO A 218 -10.70 13.12 -15.49
N ALA A 219 -11.56 12.14 -15.79
CA ALA A 219 -12.78 11.96 -15.04
C ALA A 219 -12.46 11.48 -13.62
N PRO A 220 -13.35 11.72 -12.66
CA PRO A 220 -13.09 11.25 -11.28
C PRO A 220 -12.94 9.75 -11.19
N THR A 221 -13.34 8.99 -12.20
CA THR A 221 -13.32 7.54 -12.17
C THR A 221 -12.16 6.92 -12.94
N ALA A 222 -11.32 7.73 -13.58
CA ALA A 222 -10.26 7.20 -14.43
C ALA A 222 -9.04 6.81 -13.59
N TYR A 223 -8.30 5.84 -14.11
CA TYR A 223 -7.10 5.33 -13.44
C TYR A 223 -5.84 5.82 -14.15
N ALA A 224 -4.77 6.00 -13.37
CA ALA A 224 -3.52 6.56 -13.88
C ALA A 224 -2.44 5.51 -14.12
N GLY A 225 -2.44 4.41 -13.37
CA GLY A 225 -1.40 3.42 -13.46
C GLY A 225 -0.33 3.61 -12.41
N THR A 226 0.18 2.51 -11.85
CA THR A 226 1.15 2.58 -10.76
C THR A 226 2.36 3.41 -11.16
N LYS A 227 2.81 3.29 -12.41
CA LYS A 227 4.03 3.99 -12.83
C LYS A 227 3.85 5.49 -12.71
N LYS A 228 2.64 6.01 -12.97
CA LYS A 228 2.39 7.44 -12.84
C LYS A 228 2.44 7.88 -11.38
N CYS A 229 1.86 7.06 -10.48
CA CYS A 229 1.95 7.36 -9.05
C CYS A 229 3.39 7.46 -8.59
N GLN A 230 4.23 6.53 -9.05
CA GLN A 230 5.63 6.50 -8.62
C GLN A 230 6.42 7.68 -9.16
N SER A 231 6.02 8.23 -10.32
CA SER A 231 6.76 9.33 -10.92
C SER A 231 6.78 10.58 -10.04
N CYS A 232 5.79 10.74 -9.16
CA CYS A 232 5.79 11.83 -8.18
C CYS A 232 6.14 11.38 -6.78
N HIS A 233 5.61 10.25 -6.32
CA HIS A 233 5.76 9.82 -4.93
C HIS A 233 6.99 8.96 -4.69
N GLY A 234 7.57 8.36 -5.70
CA GLY A 234 8.68 7.43 -5.50
C GLY A 234 8.18 5.98 -5.37
N PHE A 235 8.22 5.46 -4.14
CA PHE A 235 7.66 4.15 -3.82
C PHE A 235 8.18 3.06 -4.76
N SER A 236 9.46 3.14 -5.10
CA SER A 236 10.00 2.20 -6.08
C SER A 236 10.07 0.79 -5.51
N LYS A 237 10.26 0.66 -4.20
CA LYS A 237 10.28 -0.66 -3.60
C LYS A 237 8.92 -1.35 -3.64
N PHE A 238 7.85 -0.60 -3.94
CA PHE A 238 6.54 -1.23 -4.10
C PHE A 238 6.54 -2.18 -5.30
N SER A 239 7.30 -1.84 -6.34
CA SER A 239 7.31 -2.66 -7.55
C SER A 239 7.88 -4.06 -7.32
N ALA A 240 8.46 -4.31 -6.14
CA ALA A 240 9.00 -5.63 -5.83
C ALA A 240 8.09 -6.44 -4.92
N THR A 241 7.06 -5.84 -4.33
CA THR A 241 6.07 -6.62 -3.61
C THR A 241 5.25 -7.45 -4.60
N TRP A 242 4.58 -8.47 -4.07
CA TRP A 242 3.90 -9.43 -4.94
C TRP A 242 2.61 -8.86 -5.52
N HIS A 243 1.99 -7.90 -4.84
CA HIS A 243 0.72 -7.30 -5.26
C HIS A 243 0.78 -6.85 -6.72
N PRO A 244 1.70 -5.96 -7.12
CA PRO A 244 1.70 -5.50 -8.51
C PRO A 244 2.20 -6.53 -9.50
N ASN A 245 2.72 -7.68 -9.05
CA ASN A 245 3.28 -8.69 -9.93
C ASN A 245 2.39 -9.91 -10.08
N MET A 246 1.14 -9.84 -9.62
CA MET A 246 0.28 -11.03 -9.62
C MET A 246 0.02 -11.56 -11.03
N VAL A 247 -0.05 -10.69 -12.02
CA VAL A 247 -0.45 -11.06 -13.37
C VAL A 247 0.62 -10.59 -14.35
N LYS A 248 1.19 -11.53 -15.10
CA LYS A 248 2.25 -11.25 -16.06
C LYS A 248 1.87 -11.77 -17.44
N THR A 249 2.61 -11.30 -18.43
CA THR A 249 2.65 -11.92 -19.75
C THR A 249 3.89 -12.80 -19.87
N PRO A 250 3.85 -13.82 -20.72
CA PRO A 250 4.97 -14.79 -20.75
C PRO A 250 6.34 -14.21 -21.05
N ASP A 251 6.45 -13.15 -21.86
CA ASP A 251 7.77 -12.62 -22.18
C ASP A 251 8.48 -12.06 -20.96
N PHE A 252 7.74 -11.79 -19.88
CA PHE A 252 8.33 -11.30 -18.64
C PHE A 252 9.35 -12.27 -18.06
N PHE A 253 9.18 -13.56 -18.31
CA PHE A 253 10.04 -14.58 -17.72
C PHE A 253 11.20 -14.99 -18.61
N GLY A 254 11.38 -14.35 -19.76
CA GLY A 254 12.48 -14.73 -20.63
C GLY A 254 12.38 -16.18 -21.06
N SER A 255 13.48 -16.91 -20.92
CA SER A 255 13.55 -18.30 -21.34
C SER A 255 13.69 -19.26 -20.17
N MET A 256 13.38 -18.83 -18.94
CA MET A 256 13.54 -19.69 -17.77
C MET A 256 12.35 -20.60 -17.53
N LEU A 257 11.30 -20.51 -18.34
CA LEU A 257 10.19 -21.44 -18.21
C LEU A 257 10.45 -22.76 -18.91
N LEU A 258 11.54 -22.86 -19.66
CA LEU A 258 11.93 -24.10 -20.35
C LEU A 258 10.78 -24.63 -21.20
N TRP A 259 10.34 -23.78 -22.13
CA TRP A 259 9.12 -24.08 -22.89
C TRP A 259 9.26 -25.35 -23.72
N SER A 260 10.46 -25.66 -24.20
CA SER A 260 10.62 -26.87 -25.01
C SER A 260 10.34 -28.14 -24.22
N LEU A 261 10.29 -28.06 -22.89
CA LEU A 261 9.88 -29.18 -22.06
C LEU A 261 8.36 -29.25 -21.87
N ASN A 262 7.62 -28.26 -22.40
CA ASN A 262 6.16 -28.22 -22.29
C ASN A 262 5.57 -28.75 -23.58
N ASP A 263 4.94 -29.93 -23.50
CA ASP A 263 4.42 -30.62 -24.67
C ASP A 263 2.94 -30.33 -24.95
N LYS A 264 2.23 -29.68 -24.02
CA LYS A 264 0.82 -29.38 -24.23
C LYS A 264 0.57 -27.95 -24.72
N PHE A 265 1.40 -26.97 -24.33
CA PHE A 265 1.22 -25.62 -24.85
C PHE A 265 2.56 -24.89 -24.86
N GLN A 266 2.54 -23.73 -25.49
CA GLN A 266 3.70 -22.86 -25.68
C GLN A 266 3.33 -21.45 -25.27
N ALA A 267 4.33 -20.56 -25.32
CA ALA A 267 4.15 -19.21 -24.80
C ALA A 267 3.06 -18.47 -25.57
N SER A 268 2.96 -18.71 -26.88
CA SER A 268 1.98 -18.01 -27.70
C SER A 268 0.55 -18.52 -27.47
N ASP A 269 0.37 -19.67 -26.82
CA ASP A 269 -0.95 -20.08 -26.38
C ASP A 269 -1.38 -19.37 -25.09
N VAL A 270 -0.46 -18.69 -24.42
CA VAL A 270 -0.70 -18.14 -23.10
C VAL A 270 -1.05 -16.66 -23.23
N ARG A 271 -2.14 -16.27 -22.57
CA ARG A 271 -2.52 -14.87 -22.48
C ARG A 271 -1.91 -14.20 -21.26
N TYR A 272 -2.05 -14.82 -20.09
CA TYR A 272 -1.52 -14.27 -18.85
C TYR A 272 -0.90 -15.38 -18.01
N VAL A 273 0.06 -14.99 -17.18
CA VAL A 273 0.66 -15.88 -16.18
C VAL A 273 0.30 -15.35 -14.80
N ILE A 274 -0.28 -16.21 -13.97
CA ILE A 274 -0.60 -15.86 -12.59
C ILE A 274 0.63 -16.16 -11.74
N ASN A 275 1.18 -15.13 -11.11
CA ASN A 275 2.54 -15.14 -10.58
C ASN A 275 2.50 -15.05 -9.06
N SER A 276 2.82 -16.17 -8.39
CA SER A 276 2.82 -16.26 -6.94
C SER A 276 4.23 -16.61 -6.46
N PRO A 277 4.53 -16.53 -5.15
CA PRO A 277 5.92 -16.78 -4.71
C PRO A 277 6.45 -18.16 -5.06
N THR A 278 5.59 -19.18 -5.17
CA THR A 278 6.07 -20.54 -5.40
C THR A 278 5.64 -21.14 -6.73
N GLU A 279 4.64 -20.58 -7.41
CA GLU A 279 4.08 -21.28 -8.55
C GLU A 279 3.58 -20.29 -9.59
N LEU A 280 3.58 -20.75 -10.84
CA LEU A 280 3.01 -20.02 -11.98
C LEU A 280 1.80 -20.78 -12.50
N LEU A 281 0.70 -20.08 -12.70
CA LEU A 281 -0.46 -20.58 -13.42
C LEU A 281 -0.57 -19.85 -14.74
N PHE A 282 -1.18 -20.51 -15.73
CA PHE A 282 -1.20 -20.01 -17.08
C PHE A 282 -2.63 -19.92 -17.59
N VAL A 283 -2.91 -18.82 -18.29
CA VAL A 283 -4.27 -18.46 -18.70
C VAL A 283 -4.32 -18.43 -20.22
N GLY A 284 -5.18 -19.24 -20.80
CA GLY A 284 -5.26 -19.37 -22.24
C GLY A 284 -5.90 -18.18 -22.92
N LYS A 285 -5.91 -18.25 -24.26
CA LYS A 285 -6.56 -17.22 -25.05
C LYS A 285 -8.06 -17.13 -24.78
N ASP A 286 -8.67 -18.21 -24.30
CA ASP A 286 -10.08 -18.22 -23.90
C ASP A 286 -10.27 -17.93 -22.41
N TYR A 287 -9.19 -17.55 -21.71
CA TYR A 287 -9.17 -17.17 -20.30
C TYR A 287 -9.39 -18.33 -19.35
N LYS A 288 -9.25 -19.56 -19.81
CA LYS A 288 -9.31 -20.72 -18.93
C LYS A 288 -7.91 -21.18 -18.57
N TYR A 289 -7.78 -21.75 -17.38
CA TYR A 289 -6.47 -22.22 -16.95
C TYR A 289 -6.02 -23.40 -17.80
N MET A 290 -4.72 -23.61 -17.82
CA MET A 290 -4.04 -24.55 -18.69
C MET A 290 -3.66 -25.82 -17.93
N PRO A 291 -3.38 -26.92 -18.64
CA PRO A 291 -3.16 -28.19 -17.94
C PRO A 291 -1.88 -28.26 -17.11
N TYR A 292 -0.90 -27.37 -17.32
CA TYR A 292 0.33 -27.39 -16.53
C TYR A 292 0.46 -26.10 -15.73
N ALA A 293 1.10 -26.23 -14.56
CA ALA A 293 1.65 -25.11 -13.81
C ALA A 293 3.16 -25.24 -13.80
N PHE A 294 3.84 -24.14 -13.48
CA PHE A 294 5.29 -24.16 -13.37
C PHE A 294 5.67 -24.05 -11.89
N ASP A 295 6.36 -25.05 -11.39
CA ASP A 295 6.82 -25.07 -10.01
C ASP A 295 8.20 -24.40 -9.94
N LYS A 296 8.29 -23.29 -9.20
CA LYS A 296 9.53 -22.52 -9.19
C LYS A 296 10.67 -23.24 -8.46
N ALA A 297 10.34 -24.05 -7.44
CA ALA A 297 11.39 -24.66 -6.64
C ALA A 297 12.09 -25.77 -7.41
N GLU A 298 11.34 -26.67 -8.04
CA GLU A 298 11.94 -27.78 -8.78
C GLU A 298 12.05 -27.51 -10.27
N ASN A 299 11.81 -26.27 -10.71
CA ASN A 299 12.14 -25.83 -12.07
C ASN A 299 11.36 -26.59 -13.13
N GLN A 300 10.12 -26.99 -12.85
CA GLN A 300 9.47 -28.01 -13.66
C GLN A 300 8.02 -27.68 -13.97
N TRP A 301 7.59 -28.09 -15.15
CA TRP A 301 6.17 -28.16 -15.48
C TRP A 301 5.54 -29.32 -14.73
N VAL A 302 4.50 -29.02 -13.95
CA VAL A 302 3.75 -30.05 -13.24
C VAL A 302 2.30 -29.98 -13.69
N ALA A 303 1.56 -31.05 -13.42
CA ALA A 303 0.16 -31.12 -13.82
C ALA A 303 -0.70 -30.29 -12.88
N ASP A 304 -1.67 -29.58 -13.44
CA ASP A 304 -2.55 -28.72 -12.66
C ASP A 304 -3.98 -28.90 -13.12
N SER A 305 -4.90 -28.95 -12.14
CA SER A 305 -6.29 -29.29 -12.39
C SER A 305 -7.22 -28.07 -12.34
N HIS A 306 -6.67 -26.86 -12.42
CA HIS A 306 -7.51 -25.69 -12.57
C HIS A 306 -8.13 -25.66 -13.96
N THR A 307 -9.45 -25.44 -14.03
CA THR A 307 -10.13 -25.29 -15.29
C THR A 307 -11.07 -24.09 -15.33
N GLN A 308 -11.11 -23.29 -14.27
CA GLN A 308 -12.00 -22.13 -14.21
C GLN A 308 -11.64 -21.12 -15.29
N ASN A 309 -12.60 -20.24 -15.58
CA ASN A 309 -12.34 -19.05 -16.37
C ASN A 309 -11.75 -18.01 -15.43
N TRP A 310 -10.48 -17.64 -15.68
CA TRP A 310 -9.78 -16.73 -14.79
C TRP A 310 -10.42 -15.35 -14.81
N LEU A 311 -10.82 -14.88 -15.99
CA LEU A 311 -11.38 -13.55 -16.11
C LEU A 311 -12.71 -13.43 -15.36
N VAL A 312 -13.53 -14.47 -15.43
CA VAL A 312 -14.85 -14.43 -14.83
C VAL A 312 -14.77 -14.71 -13.34
N SER A 313 -13.87 -15.60 -12.94
CA SER A 313 -13.86 -16.13 -11.57
C SER A 313 -12.72 -15.62 -10.69
N CYS A 314 -11.68 -15.00 -11.26
CA CYS A 314 -10.49 -14.75 -10.45
C CYS A 314 -9.93 -13.35 -10.63
N ALA A 315 -10.06 -12.82 -11.83
CA ALA A 315 -9.33 -11.59 -12.18
C ALA A 315 -9.73 -10.42 -11.28
N LYS A 316 -10.96 -10.42 -10.77
CA LYS A 316 -11.46 -9.27 -10.02
C LYS A 316 -10.62 -8.97 -8.79
N CYS A 317 -9.87 -9.94 -8.28
CA CYS A 317 -8.96 -9.70 -7.17
C CYS A 317 -7.51 -9.65 -7.63
N HIS A 318 -7.25 -9.85 -8.92
CA HIS A 318 -5.89 -9.95 -9.43
C HIS A 318 -5.49 -8.81 -10.34
N VAL A 319 -6.40 -7.88 -10.63
CA VAL A 319 -6.14 -6.77 -11.56
C VAL A 319 -6.68 -5.48 -10.98
N THR A 320 -6.36 -4.39 -11.67
CA THR A 320 -6.68 -3.04 -11.21
C THR A 320 -7.23 -2.24 -12.38
N GLY A 321 -8.17 -1.35 -12.09
CA GLY A 321 -8.52 -0.29 -13.03
C GLY A 321 -9.84 -0.44 -13.74
N TYR A 322 -10.67 -1.41 -13.36
CA TYR A 322 -11.93 -1.58 -14.06
C TYR A 322 -13.04 -0.78 -13.38
N PRO A 323 -14.13 -0.49 -14.10
CA PRO A 323 -15.19 0.35 -13.52
C PRO A 323 -15.83 -0.29 -12.31
N GLY A 324 -16.18 0.56 -11.34
CA GLY A 324 -16.91 0.12 -10.16
C GLY A 324 -16.02 -0.44 -9.08
N PRO A 325 -16.64 -1.00 -8.05
CA PRO A 325 -15.87 -1.57 -6.93
C PRO A 325 -14.99 -2.72 -7.39
N ASN A 326 -13.84 -2.83 -6.75
CA ASN A 326 -12.91 -3.92 -7.01
C ASN A 326 -12.93 -4.92 -5.85
N GLY A 327 -12.30 -6.06 -6.08
CA GLY A 327 -12.32 -7.11 -5.09
C GLY A 327 -13.38 -8.16 -5.37
N ILE A 328 -13.98 -8.69 -4.30
CA ILE A 328 -14.84 -9.87 -4.44
C ILE A 328 -16.14 -9.54 -5.16
N THR A 329 -16.58 -8.29 -5.13
CA THR A 329 -17.79 -7.88 -5.85
C THR A 329 -17.48 -7.27 -7.21
N GLY A 330 -16.24 -7.41 -7.70
CA GLY A 330 -15.82 -6.71 -8.89
C GLY A 330 -16.12 -7.44 -10.18
N THR A 331 -16.14 -6.67 -11.27
CA THR A 331 -16.42 -7.19 -12.61
C THR A 331 -15.37 -6.62 -13.56
N PRO A 332 -14.28 -7.35 -13.81
CA PRO A 332 -13.19 -6.82 -14.65
C PRO A 332 -13.36 -7.05 -16.14
N TYR A 333 -14.56 -7.41 -16.60
CA TYR A 333 -14.76 -7.76 -18.00
C TYR A 333 -16.16 -7.34 -18.42
N SER A 334 -16.39 -7.41 -19.72
CA SER A 334 -17.73 -7.49 -20.29
C SER A 334 -17.69 -8.57 -21.36
N VAL A 335 -18.85 -9.19 -21.61
CA VAL A 335 -18.94 -10.33 -22.52
C VAL A 335 -19.83 -9.94 -23.70
N VAL A 336 -19.23 -9.91 -24.88
CA VAL A 336 -19.97 -9.60 -26.12
C VAL A 336 -20.44 -10.95 -26.68
N GLY A 337 -21.54 -11.45 -26.12
CA GLY A 337 -22.11 -12.73 -26.51
C GLY A 337 -21.28 -13.92 -26.05
N ASN A 338 -20.12 -14.10 -26.69
CA ASN A 338 -19.25 -15.24 -26.45
C ASN A 338 -17.79 -14.85 -26.29
N THR A 339 -17.39 -13.68 -26.76
CA THR A 339 -16.05 -13.14 -26.60
C THR A 339 -16.03 -12.21 -25.40
N TYR A 340 -14.88 -12.15 -24.72
CA TYR A 340 -14.75 -11.32 -23.54
C TYR A 340 -13.92 -10.08 -23.87
N LYS A 341 -14.29 -8.95 -23.29
CA LYS A 341 -13.49 -7.74 -23.36
C LYS A 341 -12.95 -7.43 -21.98
N GLU A 342 -11.64 -7.23 -21.89
CA GLU A 342 -11.01 -6.90 -20.61
C GLU A 342 -11.28 -5.44 -20.29
N LEU A 343 -11.85 -5.20 -19.10
CA LEU A 343 -12.14 -3.85 -18.64
C LEU A 343 -11.08 -3.28 -17.71
N PHE A 344 -10.14 -4.11 -17.26
CA PHE A 344 -9.08 -3.60 -16.42
C PHE A 344 -7.95 -3.02 -17.26
N THR A 345 -7.23 -2.06 -16.67
CA THR A 345 -6.14 -1.38 -17.36
C THR A 345 -4.77 -1.64 -16.75
N GLU A 346 -4.69 -2.30 -15.59
CA GLU A 346 -3.41 -2.63 -14.97
C GLU A 346 -3.47 -4.07 -14.49
N PRO A 347 -2.62 -4.95 -15.00
CA PRO A 347 -2.52 -6.29 -14.43
C PRO A 347 -1.84 -6.22 -13.07
N GLY A 348 -2.36 -6.99 -12.12
CA GLY A 348 -1.83 -6.95 -10.77
C GLY A 348 -2.52 -5.94 -9.89
N ILE A 349 -2.13 -5.93 -8.62
CA ILE A 349 -2.71 -5.05 -7.62
C ILE A 349 -1.83 -3.82 -7.54
N GLY A 350 -2.25 -2.74 -8.19
CA GLY A 350 -1.49 -1.51 -8.20
C GLY A 350 -1.89 -0.58 -7.07
N CYS A 351 -1.27 0.60 -7.07
CA CYS A 351 -1.55 1.61 -6.04
C CYS A 351 -3.04 1.88 -5.93
N GLU A 352 -3.71 2.00 -7.07
CA GLU A 352 -5.09 2.43 -7.09
C GLU A 352 -6.06 1.33 -6.68
N ALA A 353 -5.57 0.09 -6.47
CA ALA A 353 -6.45 -0.93 -5.94
C ALA A 353 -6.83 -0.63 -4.49
N CYS A 354 -5.99 0.11 -3.79
CA CYS A 354 -6.27 0.59 -2.44
C CYS A 354 -6.61 2.07 -2.38
N HIS A 355 -5.98 2.90 -3.22
CA HIS A 355 -6.16 4.34 -3.17
C HIS A 355 -7.25 4.84 -4.12
N GLY A 356 -7.89 3.92 -4.85
CA GLY A 356 -8.97 4.27 -5.73
C GLY A 356 -8.52 4.91 -7.02
N PRO A 357 -9.47 5.28 -7.88
CA PRO A 357 -9.12 5.92 -9.15
C PRO A 357 -8.31 7.19 -8.90
N GLY A 358 -7.15 7.29 -9.56
CA GLY A 358 -6.23 8.36 -9.23
C GLY A 358 -5.77 9.22 -10.38
N ALA A 359 -6.41 9.09 -11.55
CA ALA A 359 -5.99 9.87 -12.71
C ALA A 359 -6.17 11.35 -12.46
N LEU A 360 -7.33 11.75 -11.93
CA LEU A 360 -7.56 13.16 -11.62
C LEU A 360 -6.58 13.67 -10.57
N HIS A 361 -6.28 12.84 -9.57
CA HIS A 361 -5.28 13.20 -8.57
C HIS A 361 -3.90 13.34 -9.22
N ALA A 362 -3.55 12.39 -10.09
CA ALA A 362 -2.22 12.39 -10.70
C ALA A 362 -2.01 13.58 -11.63
N ALA A 363 -3.08 14.20 -12.11
CA ALA A 363 -2.96 15.36 -13.00
C ALA A 363 -2.99 16.68 -12.25
N THR A 364 -3.22 16.66 -10.94
CA THR A 364 -3.34 17.90 -10.17
C THR A 364 -2.57 17.88 -8.85
N GLY A 365 -2.20 16.72 -8.31
CA GLY A 365 -1.63 16.69 -6.97
C GLY A 365 -2.62 17.08 -5.89
N ASP A 366 -3.92 16.93 -6.17
CA ASP A 366 -4.96 17.35 -5.24
C ASP A 366 -5.27 16.21 -4.30
N PRO A 367 -4.96 16.33 -3.00
CA PRO A 367 -5.20 15.20 -2.08
C PRO A 367 -6.66 14.87 -1.87
N THR A 368 -7.58 15.76 -2.21
CA THR A 368 -9.00 15.45 -2.09
C THR A 368 -9.49 14.55 -3.21
N LYS A 369 -8.63 14.17 -4.16
CA LYS A 369 -9.01 13.34 -5.29
C LYS A 369 -8.40 11.94 -5.20
N ILE A 370 -7.87 11.56 -4.04
CA ILE A 370 -7.29 10.25 -3.82
C ILE A 370 -7.63 9.82 -2.40
N LEU A 371 -7.67 8.51 -2.17
CA LEU A 371 -8.02 7.97 -0.87
C LEU A 371 -6.78 7.93 0.01
N GLY A 372 -6.86 8.59 1.17
CA GLY A 372 -5.79 8.62 2.14
C GLY A 372 -6.28 8.30 3.54
N GLU A 373 -5.49 8.60 4.56
CA GLU A 373 -5.91 8.32 5.94
C GLU A 373 -7.18 9.08 6.30
N LYS A 374 -7.36 10.28 5.71
CA LYS A 374 -8.56 11.06 5.98
C LYS A 374 -9.82 10.33 5.53
N ASP A 375 -9.68 9.36 4.64
CA ASP A 375 -10.80 8.58 4.13
C ASP A 375 -10.93 7.24 4.83
N GLY A 376 -10.12 6.98 5.85
CA GLY A 376 -10.14 5.70 6.52
C GLY A 376 -9.51 4.56 5.75
N ILE A 377 -8.46 4.85 4.97
CA ILE A 377 -7.87 3.81 4.14
C ILE A 377 -7.16 2.77 5.00
N ALA A 378 -6.76 3.13 6.22
CA ALA A 378 -6.09 2.20 7.11
C ALA A 378 -7.04 1.16 7.69
N ALA A 379 -8.35 1.31 7.47
CA ALA A 379 -9.30 0.32 7.92
C ALA A 379 -9.10 -0.99 7.18
N SER A 380 -9.36 -2.10 7.88
CA SER A 380 -9.13 -3.42 7.32
C SER A 380 -9.98 -3.67 6.08
N ALA A 381 -11.07 -2.93 5.91
CA ALA A 381 -11.92 -3.12 4.74
C ALA A 381 -11.19 -2.83 3.44
N THR A 382 -10.14 -1.99 3.50
CA THR A 382 -9.33 -1.73 2.32
C THR A 382 -8.73 -3.02 1.78
N CYS A 383 -8.37 -3.94 2.67
CA CYS A 383 -7.75 -5.21 2.30
C CYS A 383 -8.75 -6.35 2.21
N GLU A 384 -9.83 -6.31 3.01
CA GLU A 384 -10.73 -7.45 3.11
C GLU A 384 -11.53 -7.70 1.85
N LYS A 385 -11.63 -6.73 0.94
CA LYS A 385 -12.40 -6.97 -0.28
C LYS A 385 -11.72 -7.99 -1.18
N CYS A 386 -10.43 -8.26 -0.97
CA CYS A 386 -9.73 -9.37 -1.59
C CYS A 386 -9.33 -10.45 -0.59
N HIS A 387 -8.80 -10.06 0.57
CA HIS A 387 -8.48 -11.00 1.64
C HIS A 387 -9.71 -11.17 2.53
N GLU A 388 -10.72 -11.85 1.98
CA GLU A 388 -12.03 -11.82 2.60
C GLU A 388 -12.12 -12.63 3.88
N GLY A 389 -11.17 -13.53 4.13
CA GLY A 389 -11.16 -14.32 5.35
C GLY A 389 -11.71 -15.72 5.23
N ALA A 390 -12.16 -16.11 4.04
CA ALA A 390 -12.56 -17.50 3.82
C ALA A 390 -11.38 -18.29 3.28
N HIS A 391 -11.24 -18.37 1.95
CA HIS A 391 -10.07 -19.00 1.36
C HIS A 391 -8.83 -18.10 1.42
N HIS A 392 -9.01 -16.80 1.63
CA HIS A 392 -7.94 -15.83 1.51
C HIS A 392 -7.69 -15.18 2.86
N ARG A 393 -6.46 -15.28 3.34
CA ARG A 393 -6.17 -15.09 4.76
C ARG A 393 -6.18 -13.62 5.15
N GLY A 394 -6.44 -13.37 6.43
CA GLY A 394 -6.38 -12.03 6.99
C GLY A 394 -7.72 -11.54 7.52
N GLY A 395 -8.77 -11.64 6.70
CA GLY A 395 -10.05 -11.07 7.06
C GLY A 395 -10.67 -11.63 8.33
N GLU A 396 -10.35 -12.89 8.66
CA GLU A 396 -10.99 -13.53 9.81
C GLU A 396 -10.59 -12.90 11.15
N TYR A 397 -9.54 -12.08 11.17
CA TYR A 397 -8.99 -11.59 12.43
C TYR A 397 -10.00 -10.77 13.25
N ASN A 398 -11.02 -10.18 12.59
CA ASN A 398 -12.03 -9.40 13.29
C ASN A 398 -13.43 -9.96 13.10
N ASP A 399 -13.54 -11.23 12.76
CA ASP A 399 -14.83 -11.84 12.46
C ASP A 399 -15.48 -12.36 13.74
N GLU A 400 -16.68 -12.92 13.59
CA GLU A 400 -17.43 -13.53 14.67
C GLU A 400 -17.32 -15.05 14.55
N TYR A 401 -16.90 -15.70 15.64
CA TYR A 401 -16.57 -17.12 15.62
C TYR A 401 -17.57 -17.92 16.45
N ALA A 402 -17.95 -19.08 15.92
CA ALA A 402 -18.57 -20.14 16.70
C ALA A 402 -17.53 -21.25 16.82
N ILE A 403 -16.82 -21.29 17.95
CA ILE A 403 -15.83 -22.32 18.19
C ILE A 403 -16.56 -23.62 18.56
N ALA A 404 -16.30 -24.67 17.80
CA ALA A 404 -17.00 -25.93 18.01
C ALA A 404 -16.76 -26.46 19.42
N GLY A 405 -17.83 -26.93 20.05
CA GLY A 405 -17.76 -27.39 21.42
C GLY A 405 -17.80 -26.30 22.47
N VAL A 406 -17.83 -25.04 22.07
CA VAL A 406 -17.99 -23.91 22.99
C VAL A 406 -19.25 -23.17 22.59
N SER A 407 -20.22 -23.12 23.50
CA SER A 407 -21.45 -22.39 23.22
C SER A 407 -21.20 -20.88 23.25
N GLY A 408 -22.15 -20.14 22.68
CA GLY A 408 -21.96 -18.72 22.45
C GLY A 408 -21.11 -18.46 21.22
N THR A 409 -20.98 -17.18 20.88
CA THR A 409 -20.07 -16.76 19.82
C THR A 409 -19.21 -15.61 20.34
N VAL A 410 -18.09 -15.38 19.65
CA VAL A 410 -17.07 -14.45 20.13
C VAL A 410 -16.47 -13.73 18.93
N TYR A 411 -16.09 -12.48 19.14
CA TYR A 411 -15.43 -11.68 18.11
C TYR A 411 -13.92 -11.79 18.26
N GLY A 412 -13.22 -11.92 17.14
CA GLY A 412 -11.77 -11.81 17.13
C GLY A 412 -11.35 -10.55 17.85
N LYS A 413 -10.53 -10.69 18.89
CA LYS A 413 -10.35 -9.60 19.85
C LYS A 413 -9.40 -8.51 19.37
N HIS A 414 -8.55 -8.78 18.39
CA HIS A 414 -7.80 -7.69 17.77
C HIS A 414 -8.71 -6.72 17.02
N GLY A 415 -9.90 -7.16 16.62
CA GLY A 415 -10.79 -6.28 15.88
C GLY A 415 -11.46 -5.26 16.77
N ILE A 416 -11.88 -5.67 17.96
CA ILE A 416 -12.58 -4.80 18.89
C ILE A 416 -11.61 -4.09 19.84
N SER A 417 -10.31 -4.08 19.52
CA SER A 417 -9.32 -3.55 20.45
C SER A 417 -9.63 -2.15 20.91
N LEU A 418 -10.24 -1.33 20.03
CA LEU A 418 -10.45 0.07 20.37
C LEU A 418 -11.71 0.26 21.21
N GLN A 419 -12.82 -0.33 20.79
CA GLN A 419 -14.07 -0.15 21.54
C GLN A 419 -14.01 -0.81 22.92
N THR A 420 -13.04 -1.69 23.15
CA THR A 420 -12.76 -2.13 24.51
C THR A 420 -12.35 -0.95 25.38
N ILE A 421 -11.51 -0.06 24.84
CA ILE A 421 -11.10 1.13 25.58
C ILE A 421 -12.23 2.15 25.65
N GLN A 422 -13.06 2.22 24.61
CA GLN A 422 -14.18 3.15 24.63
C GLN A 422 -15.23 2.76 25.67
N LYS A 423 -15.44 1.46 25.85
CA LYS A 423 -16.45 0.97 26.79
C LYS A 423 -15.95 0.85 28.22
N ASN A 424 -14.69 1.22 28.49
CA ASN A 424 -14.08 0.97 29.79
C ASN A 424 -14.17 2.19 30.68
N SER A 425 -14.37 1.97 31.98
CA SER A 425 -14.56 3.05 32.93
C SER A 425 -13.29 3.89 33.06
N HIS A 426 -12.15 3.24 33.26
CA HIS A 426 -10.86 3.94 33.31
C HIS A 426 -10.18 3.93 31.95
N GLY A 427 -10.92 4.31 30.90
CA GLY A 427 -10.37 4.33 29.56
C GLY A 427 -9.71 5.67 29.26
N SER A 428 -8.48 5.60 28.79
CA SER A 428 -7.67 6.80 28.59
C SER A 428 -6.96 6.72 27.24
N VAL A 429 -6.23 7.79 26.92
CA VAL A 429 -5.50 7.85 25.66
C VAL A 429 -4.21 7.04 25.75
N SER A 430 -3.64 6.90 26.94
CA SER A 430 -2.41 6.13 27.11
C SER A 430 -2.57 4.69 26.61
N CYS A 431 -3.79 4.17 26.63
CA CYS A 431 -4.03 2.77 26.31
C CYS A 431 -4.01 2.47 24.82
N LEU A 432 -4.14 3.50 23.97
CA LEU A 432 -4.25 3.27 22.53
C LEU A 432 -2.92 2.85 21.92
N GLU A 433 -1.83 2.97 22.67
CA GLU A 433 -0.51 2.46 22.32
C GLU A 433 -0.61 1.06 21.73
N CYS A 434 -1.44 0.21 22.33
CA CYS A 434 -1.62 -1.16 21.88
C CYS A 434 -3.03 -1.44 21.38
N HIS A 435 -3.92 -0.45 21.36
CA HIS A 435 -5.33 -0.69 21.08
C HIS A 435 -5.87 0.04 19.86
N SER A 436 -5.15 0.99 19.28
CA SER A 436 -5.71 1.80 18.21
C SER A 436 -4.70 2.02 17.09
N GLN A 437 -5.11 1.71 15.86
CA GLN A 437 -4.21 1.89 14.72
C GLN A 437 -4.01 3.37 14.41
N ASP A 438 -5.09 4.16 14.36
CA ASP A 438 -4.94 5.56 14.02
C ASP A 438 -4.28 6.35 15.14
N TYR A 439 -4.28 5.85 16.38
CA TYR A 439 -3.46 6.48 17.41
C TYR A 439 -1.99 6.23 17.15
N ARG A 440 -1.62 4.98 16.85
CA ARG A 440 -0.21 4.61 16.73
C ARG A 440 0.47 5.40 15.62
N THR A 441 -0.25 5.65 14.51
CA THR A 441 0.32 6.44 13.43
C THR A 441 0.29 7.93 13.75
N ALA A 442 -0.78 8.40 14.39
CA ALA A 442 -0.85 9.80 14.82
C ALA A 442 0.29 10.12 15.78
N LEU A 443 0.48 9.26 16.79
CA LEU A 443 1.58 9.45 17.73
C LEU A 443 2.93 9.48 17.02
N GLU A 444 3.17 8.48 16.16
CA GLU A 444 4.43 8.43 15.43
C GLU A 444 4.63 9.66 14.54
N ASP A 445 3.55 10.26 14.08
CA ASP A 445 3.66 11.50 13.32
C ASP A 445 4.07 12.67 14.20
N TYR A 446 3.63 12.69 15.46
CA TYR A 446 3.94 13.78 16.37
C TYR A 446 5.39 13.73 16.84
N LEU A 447 5.96 12.52 16.97
CA LEU A 447 7.38 12.39 17.30
C LEU A 447 8.27 12.70 16.10
N LYS A 448 7.73 12.67 14.89
CA LYS A 448 8.50 13.02 13.71
C LYS A 448 8.43 14.51 13.40
N ALA A 449 7.42 15.21 13.93
CA ALA A 449 7.31 16.64 13.72
C ALA A 449 7.89 17.44 14.88
N ASN A 450 7.73 16.94 16.11
CA ASN A 450 8.26 17.59 17.32
C ASN A 450 9.29 16.64 17.95
N PRO A 451 10.53 16.63 17.46
CA PRO A 451 11.54 15.75 18.04
C PRO A 451 11.79 16.09 19.51
N GLY A 452 12.21 15.08 20.27
CA GLY A 452 12.48 15.27 21.68
C GLY A 452 11.26 15.47 22.55
N LYS A 453 10.07 15.27 22.00
CA LYS A 453 8.86 15.17 22.81
C LYS A 453 8.47 13.70 22.91
N THR A 454 7.90 13.32 24.03
CA THR A 454 7.67 11.92 24.35
C THR A 454 6.24 11.52 24.03
N ALA A 455 5.94 10.23 24.25
CA ALA A 455 4.57 9.76 24.09
C ALA A 455 3.64 10.43 25.09
N ALA A 456 4.13 10.72 26.29
CA ALA A 456 3.26 11.17 27.38
C ALA A 456 2.61 12.50 27.04
N ASP A 457 3.33 13.40 26.36
CA ASP A 457 2.83 14.73 26.10
C ASP A 457 2.30 14.92 24.68
N PHE A 458 2.19 13.84 23.90
CA PHE A 458 1.29 13.88 22.75
C PHE A 458 -0.15 13.69 23.19
N ASN A 459 -0.34 12.89 24.25
CA ASN A 459 -1.67 12.60 24.77
C ASN A 459 -2.37 13.87 25.25
N ALA A 460 -1.59 14.90 25.61
CA ALA A 460 -2.18 16.18 25.99
C ALA A 460 -2.97 16.80 24.84
N THR A 461 -2.59 16.48 23.61
CA THR A 461 -3.20 17.12 22.44
C THR A 461 -4.56 16.51 22.07
N VAL A 462 -4.85 15.29 22.49
CA VAL A 462 -5.93 14.51 21.90
C VAL A 462 -6.81 13.91 22.99
N LYS A 463 -8.11 13.82 22.68
CA LYS A 463 -9.07 13.10 23.51
C LYS A 463 -9.24 11.69 22.95
N LEU A 464 -9.61 10.77 23.85
CA LEU A 464 -9.82 9.37 23.45
C LEU A 464 -10.78 9.25 22.28
N SER A 465 -11.74 10.18 22.18
CA SER A 465 -12.79 10.11 21.17
C SER A 465 -12.33 10.51 19.77
N ASP A 466 -11.14 11.10 19.62
CA ASP A 466 -10.68 11.48 18.29
C ASP A 466 -10.47 10.26 17.40
N PHE A 467 -10.11 9.13 18.00
CA PHE A 467 -9.61 7.97 17.28
C PHE A 467 -10.73 6.97 17.04
N LYS A 468 -10.69 6.31 15.87
CA LYS A 468 -11.81 5.53 15.38
C LYS A 468 -11.43 4.16 14.86
N LEU A 469 -10.17 3.75 14.96
CA LEU A 469 -9.73 2.46 14.46
C LEU A 469 -9.11 1.63 15.58
N GLY A 470 -9.48 0.35 15.63
CA GLY A 470 -8.78 -0.63 16.43
C GLY A 470 -7.53 -1.08 15.71
N ILE A 471 -7.15 -2.32 15.94
CA ILE A 471 -6.03 -2.90 15.20
C ILE A 471 -6.51 -3.34 13.83
N THR A 472 -5.73 -3.04 12.79
CA THR A 472 -6.11 -3.34 11.42
C THR A 472 -4.95 -4.03 10.73
N CYS A 473 -5.16 -4.37 9.45
CA CYS A 473 -4.13 -5.07 8.67
C CYS A 473 -2.81 -4.35 8.71
N VAL A 474 -2.84 -3.02 8.46
CA VAL A 474 -1.61 -2.24 8.38
C VAL A 474 -1.01 -1.93 9.74
N THR A 475 -1.65 -2.37 10.82
CA THR A 475 -0.96 -2.38 12.12
C THR A 475 0.22 -3.33 12.08
N CYS A 476 0.04 -4.49 11.45
CA CYS A 476 1.08 -5.50 11.37
C CYS A 476 1.75 -5.60 10.02
N HIS A 477 1.05 -5.26 8.93
CA HIS A 477 1.57 -5.40 7.58
C HIS A 477 1.81 -4.02 6.96
N SER A 478 2.90 -3.90 6.24
CA SER A 478 3.07 -2.72 5.41
C SER A 478 2.39 -2.94 4.06
N PRO A 479 1.59 -1.97 3.58
CA PRO A 479 0.99 -2.13 2.26
C PRO A 479 1.93 -1.77 1.12
N HIS A 480 3.13 -1.28 1.42
CA HIS A 480 3.97 -0.65 0.41
C HIS A 480 5.31 -1.33 0.20
N SER A 481 5.76 -2.19 1.10
CA SER A 481 7.10 -2.74 0.95
C SER A 481 7.25 -4.00 1.78
N GLU A 482 8.22 -4.82 1.37
CA GLU A 482 8.65 -5.99 2.10
C GLU A 482 10.03 -5.71 2.68
N LYS A 483 10.14 -5.76 4.01
CA LYS A 483 11.35 -5.35 4.71
C LYS A 483 12.25 -6.51 5.11
N GLY A 484 11.93 -7.74 4.69
CA GLY A 484 12.79 -8.88 4.98
C GLY A 484 12.24 -9.84 6.02
N TYR A 485 11.08 -9.55 6.61
CA TYR A 485 10.50 -10.41 7.63
C TYR A 485 9.44 -11.36 7.07
N GLY A 486 9.14 -11.29 5.78
CA GLY A 486 8.12 -12.13 5.19
C GLY A 486 6.72 -11.56 5.36
N LYS A 487 5.87 -11.76 4.35
CA LYS A 487 4.46 -11.37 4.40
C LYS A 487 4.30 -9.87 4.62
N GLN A 488 5.30 -9.10 4.21
CA GLN A 488 5.30 -7.65 4.36
C GLN A 488 5.05 -7.22 5.80
N LEU A 489 5.49 -8.04 6.75
CA LEU A 489 5.38 -7.70 8.16
C LEU A 489 6.38 -6.60 8.50
N ARG A 490 6.02 -5.79 9.51
CA ARG A 490 6.88 -4.69 9.94
C ARG A 490 7.99 -5.12 10.88
N LYS A 491 7.88 -6.30 11.49
CA LYS A 491 8.88 -6.78 12.43
C LYS A 491 9.00 -8.29 12.30
N GLU A 492 10.04 -8.83 12.94
CA GLU A 492 10.12 -10.27 13.12
C GLU A 492 8.90 -10.74 13.90
N PRO A 493 8.30 -11.88 13.50
CA PRO A 493 7.00 -12.26 14.09
C PRO A 493 6.92 -12.21 15.61
N ASN A 494 7.89 -12.81 16.32
CA ASN A 494 7.86 -12.77 17.78
C ASN A 494 7.88 -11.32 18.27
N GLU A 495 8.82 -10.52 17.77
CA GLU A 495 8.91 -9.12 18.18
C GLU A 495 7.63 -8.36 17.87
N LEU A 496 6.90 -8.77 16.83
CA LEU A 496 5.63 -8.11 16.52
C LEU A 496 4.60 -8.37 17.62
N CYS A 497 4.41 -9.64 17.99
CA CYS A 497 3.47 -9.96 19.06
C CYS A 497 3.93 -9.39 20.40
N MET A 498 5.23 -9.52 20.69
CA MET A 498 5.71 -9.16 22.02
C MET A 498 5.73 -7.66 22.25
N GLU A 499 5.61 -6.84 21.19
CA GLU A 499 5.55 -5.39 21.38
C GLU A 499 4.32 -4.97 22.16
N CYS A 500 3.20 -5.66 21.98
CA CYS A 500 1.96 -5.37 22.69
C CYS A 500 1.69 -6.31 23.85
N HIS A 501 2.06 -7.58 23.73
CA HIS A 501 1.79 -8.58 24.77
C HIS A 501 2.94 -8.69 25.75
N THR A 502 3.37 -7.53 26.25
CA THR A 502 4.38 -7.43 27.29
C THR A 502 3.76 -6.83 28.55
N GLY A 503 4.24 -7.29 29.70
CA GLY A 503 3.83 -6.73 30.98
C GLY A 503 4.79 -5.63 31.39
N GLU A 504 6.07 -5.97 31.46
CA GLU A 504 7.17 -5.02 31.57
C GLU A 504 7.06 -4.08 32.77
N GLY A 505 7.88 -4.33 33.80
CA GLY A 505 7.92 -3.45 34.94
C GLY A 505 7.44 -4.09 36.21
N PHE A 506 6.38 -4.90 36.11
CA PHE A 506 5.81 -5.60 37.26
C PHE A 506 6.89 -6.30 38.05
N THR A 507 6.81 -6.21 39.38
CA THR A 507 7.81 -6.78 40.25
C THR A 507 7.21 -7.88 41.11
N ALA A 508 8.04 -8.45 41.98
CA ALA A 508 7.62 -9.57 42.81
C ALA A 508 6.48 -9.21 43.75
N THR A 509 6.24 -7.93 43.99
CA THR A 509 5.18 -7.51 44.89
C THR A 509 4.08 -6.74 44.16
N SER A 510 3.64 -7.27 43.01
CA SER A 510 2.58 -6.63 42.24
C SER A 510 1.22 -7.29 42.41
N GLY A 511 1.20 -8.60 42.67
CA GLY A 511 -0.01 -9.30 42.98
C GLY A 511 -0.89 -9.56 41.78
N SER A 512 -1.89 -10.42 42.00
CA SER A 512 -2.87 -10.82 41.01
C SER A 512 -3.33 -9.68 40.11
N LYS A 513 -3.82 -8.61 40.74
CA LYS A 513 -4.42 -7.48 40.04
C LYS A 513 -3.39 -6.46 39.57
N GLY A 514 -2.12 -6.86 39.44
CA GLY A 514 -1.08 -5.90 39.09
C GLY A 514 -0.14 -6.36 37.99
N VAL A 515 -0.40 -7.53 37.41
CA VAL A 515 0.38 -8.05 36.30
C VAL A 515 -0.58 -8.27 35.13
N HIS A 516 -0.31 -7.60 34.00
CA HIS A 516 -1.20 -7.62 32.84
C HIS A 516 -0.45 -8.12 31.61
N HIS A 517 -1.07 -9.06 30.88
CA HIS A 517 -0.58 -9.68 29.66
C HIS A 517 0.94 -9.83 29.67
N PRO A 518 1.47 -10.78 30.44
CA PRO A 518 2.92 -10.91 30.56
C PRO A 518 3.47 -11.98 29.66
N GLN A 519 2.88 -12.16 28.47
CA GLN A 519 3.22 -13.29 27.62
C GLN A 519 4.69 -13.24 27.18
N LYS A 520 5.20 -12.06 26.85
CA LYS A 520 6.61 -11.94 26.50
C LYS A 520 7.50 -12.47 27.61
N GLU A 521 7.24 -12.05 28.85
CA GLU A 521 8.11 -12.42 29.96
C GLU A 521 7.98 -13.90 30.31
N VAL A 522 6.76 -14.45 30.30
CA VAL A 522 6.57 -15.86 30.55
C VAL A 522 7.23 -16.69 29.46
N PHE A 523 6.96 -16.35 28.21
CA PHE A 523 7.44 -17.13 27.07
C PHE A 523 8.96 -17.07 26.96
N THR A 524 9.55 -15.89 27.14
CA THR A 524 10.99 -15.79 27.18
C THR A 524 11.58 -16.34 28.48
N GLY A 525 10.74 -16.61 29.48
CA GLY A 525 11.22 -17.08 30.77
C GLY A 525 12.03 -16.07 31.56
N GLN A 526 11.80 -14.77 31.33
CA GLN A 526 12.54 -13.71 31.98
C GLN A 526 11.55 -12.80 32.70
N LEU A 527 11.39 -13.02 34.01
CA LEU A 527 10.41 -12.27 34.78
C LEU A 527 10.92 -10.92 35.26
N GLY A 528 12.24 -10.75 35.34
CA GLY A 528 12.80 -9.48 35.78
C GLY A 528 13.70 -9.60 36.99
N ALA A 529 14.49 -8.55 37.23
CA ALA A 529 15.51 -8.59 38.28
C ALA A 529 14.88 -8.87 39.65
N SER A 530 13.79 -8.18 40.00
CA SER A 530 13.23 -8.27 41.34
C SER A 530 12.73 -9.67 41.70
N PHE A 531 12.68 -10.60 40.75
CA PHE A 531 12.37 -11.98 41.08
C PHE A 531 13.60 -12.77 41.44
N THR A 532 14.77 -12.13 41.43
CA THR A 532 16.00 -12.75 41.91
C THR A 532 15.86 -13.27 43.33
N ALA A 533 15.23 -12.48 44.22
CA ALA A 533 15.26 -12.82 45.64
C ALA A 533 14.46 -14.07 45.92
N LEU A 534 13.52 -14.40 45.03
CA LEU A 534 12.58 -15.49 45.24
C LEU A 534 13.10 -16.82 44.68
N GLY A 535 14.35 -16.85 44.23
CA GLY A 535 14.99 -18.07 43.82
C GLY A 535 14.59 -18.60 42.47
N ILE A 536 13.99 -17.77 41.62
CA ILE A 536 13.66 -18.15 40.26
C ILE A 536 14.67 -17.48 39.33
N PRO A 537 15.40 -18.24 38.52
CA PRO A 537 16.60 -17.71 37.87
C PRO A 537 16.28 -16.59 36.89
N GLU A 538 17.34 -15.86 36.53
CA GLU A 538 17.20 -14.76 35.57
C GLU A 538 16.58 -15.22 34.26
N LYS A 539 16.79 -16.48 33.89
CA LYS A 539 16.31 -16.99 32.61
C LYS A 539 15.94 -18.46 32.79
N VAL A 540 14.68 -18.78 32.61
CA VAL A 540 14.19 -20.16 32.65
C VAL A 540 13.88 -20.55 31.20
N TYR A 541 14.75 -21.36 30.61
CA TYR A 541 14.61 -21.69 29.19
C TYR A 541 13.33 -22.48 28.95
N ASN A 542 12.60 -22.09 27.92
CA ASN A 542 11.27 -22.62 27.63
C ASN A 542 11.38 -23.94 26.88
N PRO A 543 10.86 -25.05 27.42
CA PRO A 543 10.97 -26.34 26.72
C PRO A 543 10.32 -26.35 25.35
N MET A 544 9.33 -25.50 25.10
CA MET A 544 8.75 -25.35 23.78
C MET A 544 9.19 -24.06 23.11
N GLY A 545 10.36 -23.55 23.49
CA GLY A 545 10.87 -22.27 23.00
C GLY A 545 11.31 -22.27 21.56
N SER A 546 11.44 -23.43 20.92
CA SER A 546 11.66 -23.47 19.49
C SER A 546 10.41 -23.11 18.70
N ALA A 547 9.26 -22.97 19.37
CA ALA A 547 8.07 -22.45 18.74
C ALA A 547 8.08 -20.93 18.75
N GLU A 548 7.41 -20.33 17.77
CA GLU A 548 7.09 -18.92 17.80
C GLU A 548 5.64 -18.74 18.22
N CYS A 549 5.29 -17.50 18.58
CA CYS A 549 3.89 -17.17 18.85
C CYS A 549 3.01 -17.63 17.71
N VAL A 550 3.42 -17.36 16.47
CA VAL A 550 2.63 -17.69 15.31
C VAL A 550 2.51 -19.20 15.08
N THR A 551 3.43 -19.99 15.62
CA THR A 551 3.36 -21.43 15.43
C THR A 551 2.04 -21.97 15.99
N CYS A 552 1.67 -21.55 17.20
CA CYS A 552 0.47 -22.03 17.84
C CYS A 552 -0.75 -21.16 17.56
N HIS A 553 -0.56 -19.85 17.48
CA HIS A 553 -1.68 -18.93 17.33
C HIS A 553 -2.06 -18.68 15.87
N MET A 554 -1.16 -18.92 14.92
CA MET A 554 -1.44 -18.66 13.51
C MET A 554 -0.98 -19.83 12.64
N PRO A 555 -1.54 -21.03 12.85
CA PRO A 555 -1.17 -22.15 11.99
C PRO A 555 -1.69 -21.93 10.58
N ASN A 556 -0.83 -22.23 9.60
CA ASN A 556 -1.16 -22.08 8.18
C ASN A 556 -1.57 -20.65 7.84
N GLY A 557 -1.09 -19.67 8.60
CA GLY A 557 -1.42 -18.29 8.34
C GLY A 557 -2.79 -17.84 8.83
N TYR A 558 -3.50 -18.68 9.56
CA TYR A 558 -4.82 -18.29 10.04
C TYR A 558 -4.72 -17.16 11.05
N HIS A 559 -5.62 -16.18 10.92
CA HIS A 559 -5.67 -15.03 11.81
C HIS A 559 -6.77 -15.15 12.86
N TYR A 560 -7.18 -16.37 13.20
CA TYR A 560 -8.15 -16.53 14.28
C TYR A 560 -7.51 -16.36 15.65
N PHE A 561 -6.22 -16.67 15.76
CA PHE A 561 -5.44 -16.52 16.98
C PHE A 561 -5.91 -17.44 18.11
N LYS A 562 -6.99 -18.19 17.88
CA LYS A 562 -7.44 -19.18 18.84
C LYS A 562 -6.61 -20.45 18.70
N VAL A 563 -6.07 -20.93 19.81
CA VAL A 563 -5.16 -22.07 19.78
C VAL A 563 -5.98 -23.35 19.85
N GLY A 564 -5.66 -24.29 18.96
CA GLY A 564 -6.13 -25.64 19.14
C GLY A 564 -5.43 -26.32 20.30
N LYS A 565 -6.14 -27.24 20.92
CA LYS A 565 -5.64 -27.97 22.08
C LYS A 565 -5.92 -29.46 21.94
N PRO A 566 -5.36 -30.12 20.91
CA PRO A 566 -4.48 -29.59 19.88
C PRO A 566 -5.20 -29.05 18.62
N THR A 567 -6.41 -29.55 18.35
CA THR A 567 -7.18 -29.12 17.20
C THR A 567 -8.34 -28.22 17.62
N ILE A 568 -8.72 -27.33 16.70
CA ILE A 568 -9.84 -26.43 16.91
C ILE A 568 -10.63 -26.35 15.61
N SER A 569 -11.94 -26.20 15.74
CA SER A 569 -12.82 -26.01 14.59
C SER A 569 -13.64 -24.75 14.81
N ILE A 570 -13.67 -23.88 13.81
CA ILE A 570 -14.36 -22.60 13.88
C ILE A 570 -15.34 -22.49 12.72
N ASP A 571 -16.55 -22.03 13.03
CA ASP A 571 -17.49 -21.56 12.03
C ASP A 571 -17.47 -20.04 12.05
N ASN A 572 -17.03 -19.45 10.93
CA ASN A 572 -16.94 -18.00 10.80
C ASN A 572 -18.31 -17.48 10.40
N LEU A 573 -19.04 -16.93 11.38
CA LEU A 573 -20.39 -16.44 11.12
C LEU A 573 -20.40 -15.15 10.32
N THR A 574 -19.30 -14.39 10.33
CA THR A 574 -19.21 -13.22 9.47
C THR A 574 -19.15 -13.63 8.00
N ILE A 575 -18.38 -14.67 7.68
CA ILE A 575 -18.36 -15.21 6.33
C ILE A 575 -19.73 -15.80 5.99
N LYS A 576 -20.31 -16.56 6.92
CA LYS A 576 -21.50 -17.33 6.63
C LYS A 576 -22.70 -16.46 6.28
N ASN A 577 -22.79 -15.26 6.87
CA ASN A 577 -23.97 -14.41 6.74
C ASN A 577 -23.72 -13.20 5.85
N ASP A 578 -22.84 -13.33 4.84
CA ASP A 578 -22.47 -12.23 3.96
C ASP A 578 -22.64 -12.68 2.51
N SER A 579 -23.74 -12.28 1.89
CA SER A 579 -24.02 -12.68 0.51
C SER A 579 -23.22 -11.91 -0.52
N SER A 580 -22.54 -10.83 -0.13
CA SER A 580 -21.64 -10.16 -1.05
C SER A 580 -20.43 -11.01 -1.41
N LEU A 581 -20.17 -12.07 -0.62
CA LEU A 581 -19.02 -12.94 -0.84
C LEU A 581 -19.25 -13.97 -1.93
N GLY A 582 -20.47 -14.08 -2.47
CA GLY A 582 -20.73 -15.06 -3.52
C GLY A 582 -20.52 -16.48 -3.04
N SER A 583 -19.81 -17.26 -3.86
CA SER A 583 -19.57 -18.66 -3.56
C SER A 583 -18.58 -18.87 -2.42
N TYR A 584 -17.93 -17.81 -1.93
CA TYR A 584 -17.11 -17.92 -0.73
C TYR A 584 -17.93 -17.89 0.55
N GLN A 585 -19.22 -17.58 0.45
CA GLN A 585 -20.07 -17.53 1.64
C GLN A 585 -20.21 -18.91 2.27
N SER A 586 -20.15 -19.97 1.47
CA SER A 586 -20.31 -21.32 1.98
C SER A 586 -19.02 -21.87 2.59
N ARG A 587 -17.90 -21.17 2.44
CA ARG A 587 -16.60 -21.65 2.91
C ARG A 587 -16.25 -20.99 4.24
N TYR A 588 -17.14 -21.16 5.22
CA TYR A 588 -17.03 -20.49 6.51
C TYR A 588 -16.40 -21.36 7.59
N LYS A 589 -16.05 -22.61 7.28
CA LYS A 589 -15.46 -23.51 8.26
C LYS A 589 -13.94 -23.45 8.17
N ALA A 590 -13.29 -23.31 9.32
CA ALA A 590 -11.84 -23.35 9.42
C ALA A 590 -11.45 -24.35 10.51
N SER A 591 -10.38 -25.10 10.25
CA SER A 591 -9.97 -26.16 11.15
C SER A 591 -8.46 -26.31 11.06
N TYR A 592 -7.79 -26.32 12.21
CA TYR A 592 -6.35 -26.51 12.21
C TYR A 592 -5.88 -27.16 13.50
N ASN A 593 -4.65 -27.67 13.46
CA ASN A 593 -3.97 -28.25 14.61
C ASN A 593 -2.82 -27.31 14.98
N SER A 594 -2.84 -26.80 16.21
CA SER A 594 -1.84 -25.82 16.63
C SER A 594 -0.55 -26.45 17.14
N CYS A 595 -0.44 -27.78 17.12
CA CYS A 595 0.64 -28.45 17.84
C CYS A 595 1.37 -29.52 17.03
N SER A 596 0.85 -29.97 15.90
CA SER A 596 1.43 -31.12 15.23
C SER A 596 2.65 -30.79 14.36
N VAL A 597 3.20 -29.58 14.46
CA VAL A 597 4.51 -29.34 13.87
C VAL A 597 5.58 -30.08 14.68
N CYS A 598 5.39 -30.20 15.99
CA CYS A 598 6.29 -30.94 16.86
C CYS A 598 5.63 -32.16 17.48
N HIS A 599 4.43 -32.01 18.03
CA HIS A 599 3.72 -33.14 18.60
C HIS A 599 3.14 -34.00 17.48
N ASP A 600 2.82 -35.25 17.83
CA ASP A 600 2.29 -36.18 16.84
C ASP A 600 0.86 -35.80 16.48
N ALA A 601 0.52 -35.95 15.20
CA ALA A 601 -0.76 -35.47 14.71
C ALA A 601 -1.92 -36.25 15.29
N VAL A 602 -1.79 -37.56 15.43
CA VAL A 602 -2.88 -38.41 15.90
C VAL A 602 -2.72 -38.75 17.37
N GLY A 603 -1.49 -39.06 17.81
CA GLY A 603 -1.30 -39.55 19.17
C GLY A 603 -1.45 -38.49 20.24
N PHE A 604 -1.13 -37.24 19.92
CA PHE A 604 -1.29 -36.12 20.85
C PHE A 604 -2.70 -35.57 20.71
N ASP A 605 -3.55 -35.79 21.71
CA ASP A 605 -4.96 -35.51 21.58
C ASP A 605 -5.44 -34.59 22.72
N ALA A 606 -6.72 -34.24 22.66
CA ALA A 606 -7.30 -33.30 23.62
C ALA A 606 -7.20 -33.83 25.05
N ASN A 607 -7.33 -35.14 25.24
CA ASN A 607 -7.20 -35.70 26.58
C ASN A 607 -5.82 -35.42 27.16
N ALA A 608 -4.77 -35.68 26.38
CA ALA A 608 -3.41 -35.41 26.84
C ALA A 608 -3.22 -33.94 27.19
N VAL A 609 -3.82 -33.04 26.41
CA VAL A 609 -3.67 -31.61 26.68
C VAL A 609 -4.53 -31.19 27.86
N LYS A 610 -5.75 -31.73 27.94
CA LYS A 610 -6.62 -31.41 29.07
C LYS A 610 -5.97 -31.78 30.40
N ALA A 611 -5.22 -32.88 30.43
CA ALA A 611 -4.48 -33.29 31.61
C ALA A 611 -3.62 -32.15 32.14
N TRP A 612 -2.64 -31.70 31.34
CA TRP A 612 -1.78 -30.60 31.76
C TRP A 612 -2.58 -29.35 32.08
N THR A 613 -3.62 -29.06 31.29
CA THR A 613 -4.33 -27.78 31.41
C THR A 613 -5.21 -27.75 32.66
N ASP A 614 -5.95 -28.82 32.94
CA ASP A 614 -6.69 -28.90 34.19
C ASP A 614 -5.73 -28.82 35.37
N LYS A 615 -4.66 -29.62 35.31
CA LYS A 615 -3.70 -29.71 36.40
C LYS A 615 -3.06 -28.37 36.72
N VAL A 616 -2.98 -27.46 35.74
CA VAL A 616 -2.46 -26.12 36.00
C VAL A 616 -3.56 -25.21 36.52
N ASP A 617 -4.76 -25.26 35.92
CA ASP A 617 -5.89 -24.46 36.41
C ASP A 617 -6.18 -24.78 37.88
N THR A 618 -6.25 -26.07 38.20
CA THR A 618 -6.43 -26.51 39.58
C THR A 618 -5.46 -25.83 40.52
N ARG A 619 -4.17 -25.88 40.17
CA ARG A 619 -3.13 -25.47 41.12
C ARG A 619 -3.12 -23.96 41.32
N VAL A 620 -3.47 -23.17 40.29
CA VAL A 620 -3.51 -21.73 40.52
C VAL A 620 -4.75 -21.33 41.31
N ASN A 621 -5.90 -21.96 41.02
CA ASN A 621 -7.12 -21.61 41.74
C ASN A 621 -6.99 -21.86 43.23
N ASN A 622 -6.39 -22.99 43.61
CA ASN A 622 -6.20 -23.34 45.01
C ASN A 622 -5.13 -22.49 45.68
N ILE A 623 -4.45 -21.63 44.94
CA ILE A 623 -3.51 -20.67 45.54
C ILE A 623 -4.25 -19.33 45.70
N LEU A 624 -5.17 -19.05 44.78
CA LEU A 624 -5.92 -17.81 44.84
C LEU A 624 -7.16 -17.92 45.71
N ASN A 625 -7.79 -19.10 45.73
CA ASN A 625 -8.90 -19.35 46.66
C ASN A 625 -8.38 -19.29 48.09
N GLN A 626 -7.48 -20.23 48.43
CA GLN A 626 -6.90 -20.28 49.77
C GLN A 626 -5.89 -19.15 49.97
N LEU A 627 -6.20 -17.96 49.46
CA LEU A 627 -5.46 -16.74 49.77
C LEU A 627 -6.42 -15.57 49.75
N LYS A 628 -7.62 -15.82 49.22
CA LYS A 628 -8.78 -14.97 49.45
C LYS A 628 -9.65 -15.48 50.58
N THR A 629 -9.62 -16.79 50.84
CA THR A 629 -10.24 -17.33 52.04
C THR A 629 -9.24 -17.31 53.20
N THR A 630 -8.60 -18.45 53.48
CA THR A 630 -8.00 -18.70 54.79
C THR A 630 -6.94 -17.66 55.14
N TYR A 631 -6.01 -17.41 54.21
CA TYR A 631 -4.93 -16.44 54.47
C TYR A 631 -5.36 -15.02 54.16
N ALA A 632 -6.65 -14.75 53.99
CA ALA A 632 -7.10 -13.41 53.67
C ALA A 632 -6.65 -12.43 54.74
N ALA A 633 -6.47 -11.19 54.32
CA ALA A 633 -6.08 -10.07 55.17
C ALA A 633 -4.69 -10.25 55.78
N ALA A 634 -3.92 -11.22 55.29
CA ALA A 634 -2.48 -11.04 55.30
C ALA A 634 -2.06 -10.04 54.22
N TYR A 635 -3.06 -9.33 53.66
CA TYR A 635 -2.97 -8.56 52.43
C TYR A 635 -1.72 -7.70 52.34
N ASN A 636 -1.18 -7.29 53.48
CA ASN A 636 -0.04 -6.40 53.50
C ASN A 636 1.28 -7.12 53.77
N ASP A 637 1.23 -8.42 54.04
CA ASP A 637 2.45 -9.16 54.34
C ASP A 637 3.32 -9.26 53.10
N PRO A 638 4.54 -8.70 53.11
CA PRO A 638 5.41 -8.81 51.93
C PRO A 638 5.97 -10.22 51.76
N ASN A 639 5.08 -11.21 51.88
CA ASN A 639 5.45 -12.62 51.90
C ASN A 639 4.29 -13.42 51.36
N TYR A 640 3.11 -12.78 51.35
CA TYR A 640 1.91 -13.25 50.69
C TYR A 640 1.67 -12.53 49.38
N LYS A 641 2.22 -11.32 49.25
CA LYS A 641 2.25 -10.65 47.95
C LYS A 641 3.08 -11.44 46.95
N TYR A 642 4.16 -12.08 47.41
CA TYR A 642 4.95 -12.95 46.57
C TYR A 642 4.11 -14.07 45.97
N ALA A 643 3.47 -14.86 46.84
CA ALA A 643 2.65 -15.98 46.38
C ALA A 643 1.45 -15.52 45.57
N ASP A 644 1.08 -14.25 45.68
CA ASP A 644 -0.01 -13.70 44.88
C ASP A 644 0.47 -13.34 43.48
N THR A 645 1.59 -12.63 43.42
CA THR A 645 2.23 -12.31 42.14
C THR A 645 2.62 -13.57 41.37
N LEU A 646 3.28 -14.50 42.07
CA LEU A 646 3.80 -15.70 41.41
C LEU A 646 2.69 -16.54 40.80
N ALA A 647 1.50 -16.52 41.41
CA ALA A 647 0.37 -17.25 40.86
C ALA A 647 -0.50 -16.39 39.96
N GLY A 648 -0.42 -15.06 40.13
CA GLY A 648 -1.11 -14.18 39.20
C GLY A 648 -0.50 -14.21 37.81
N ILE A 649 0.81 -14.43 37.74
CA ILE A 649 1.51 -14.47 36.46
C ILE A 649 0.99 -15.62 35.61
N VAL A 650 0.87 -16.81 36.21
CA VAL A 650 0.31 -17.95 35.50
C VAL A 650 -1.14 -17.71 35.11
N ALA A 651 -1.83 -16.80 35.81
CA ALA A 651 -3.21 -16.48 35.49
C ALA A 651 -3.32 -15.41 34.41
N ALA A 652 -2.54 -14.34 34.51
CA ALA A 652 -2.62 -13.27 33.50
C ALA A 652 -2.01 -13.71 32.18
N ASP A 653 -0.95 -14.52 32.23
CA ASP A 653 -0.40 -15.12 31.02
C ASP A 653 -1.48 -15.87 30.25
N ALA A 654 -2.41 -16.50 30.97
CA ALA A 654 -3.65 -17.05 30.42
C ALA A 654 -3.43 -18.16 29.40
N SER A 655 -2.28 -18.82 29.45
CA SER A 655 -2.00 -19.92 28.55
C SER A 655 -2.06 -21.28 29.23
N HIS A 656 -2.48 -21.31 30.50
CA HIS A 656 -2.45 -22.51 31.32
C HIS A 656 -1.03 -23.08 31.40
N GLY A 657 -0.05 -22.18 31.41
CA GLY A 657 1.34 -22.57 31.52
C GLY A 657 1.97 -23.13 30.26
N ILE A 658 1.23 -23.16 29.14
CA ILE A 658 1.79 -23.66 27.90
C ILE A 658 2.89 -22.74 27.39
N HIS A 659 2.76 -21.43 27.59
CA HIS A 659 3.78 -20.49 27.14
C HIS A 659 5.16 -20.78 27.73
N ASN A 660 5.25 -21.55 28.81
CA ASN A 660 6.51 -21.97 29.40
C ASN A 660 6.24 -22.98 30.50
N THR A 661 6.23 -24.27 30.15
CA THR A 661 5.84 -25.29 31.12
C THR A 661 6.79 -25.31 32.32
N ALA A 662 8.08 -25.06 32.08
CA ALA A 662 9.07 -25.14 33.16
C ALA A 662 9.03 -23.93 34.07
N LEU A 663 8.87 -22.73 33.50
CA LEU A 663 8.67 -21.56 34.35
C LEU A 663 7.36 -21.67 35.12
N THR A 664 6.37 -22.38 34.57
CA THR A 664 5.06 -22.48 35.22
C THR A 664 5.13 -23.32 36.48
N GLU A 665 5.80 -24.47 36.42
CA GLU A 665 5.88 -25.33 37.60
C GLU A 665 6.82 -24.74 38.64
N LEU A 666 7.91 -24.11 38.21
CA LEU A 666 8.77 -23.39 39.13
C LEU A 666 8.07 -22.19 39.74
N LEU A 667 7.02 -21.68 39.09
CA LEU A 667 6.25 -20.59 39.68
C LEU A 667 5.21 -21.11 40.67
N LEU A 668 4.56 -22.23 40.34
CA LEU A 668 3.53 -22.76 41.24
C LEU A 668 4.14 -23.37 42.49
N ASP A 669 5.31 -24.01 42.35
CA ASP A 669 5.97 -24.59 43.52
C ASP A 669 6.48 -23.51 44.45
N LYS A 670 7.15 -22.49 43.91
CA LYS A 670 7.58 -21.36 44.71
C LYS A 670 6.41 -20.51 45.20
N ALA A 671 5.19 -20.83 44.80
CA ALA A 671 4.00 -20.17 45.32
C ALA A 671 3.19 -21.04 46.26
N GLU A 672 3.25 -22.36 46.09
CA GLU A 672 2.68 -23.27 47.08
C GLU A 672 3.57 -23.41 48.31
N TYR A 673 4.87 -23.09 48.17
CA TYR A 673 5.75 -23.04 49.32
C TYR A 673 5.56 -21.74 50.10
N TYR A 674 5.45 -20.62 49.39
CA TYR A 674 5.37 -19.30 50.01
C TYR A 674 4.04 -19.07 50.74
N LEU A 675 3.08 -20.00 50.71
CA LEU A 675 1.85 -19.83 51.47
C LEU A 675 1.87 -20.51 52.83
N THR A 676 2.55 -21.65 52.99
CA THR A 676 2.76 -22.19 54.33
C THR A 676 3.98 -21.58 54.99
N GLN A 677 4.62 -20.61 54.35
CA GLN A 677 5.67 -19.81 54.95
C GLN A 677 5.18 -18.39 55.24
N ILE A 678 3.90 -18.27 55.55
CA ILE A 678 3.25 -17.01 55.89
C ILE A 678 2.91 -17.05 57.37
N PRO A 679 2.74 -15.91 58.03
CA PRO A 679 2.12 -15.92 59.37
C PRO A 679 0.65 -16.34 59.30
N LYS A 680 0.34 -17.53 59.81
CA LYS A 680 -1.04 -17.92 59.96
C LYS A 680 -1.69 -17.13 61.10
N GLN A 681 -2.98 -16.86 60.97
CA GLN A 681 -3.69 -16.05 61.95
C GLN A 681 -4.96 -16.77 62.40
#